data_7ETI
#
_entry.id   7ETI
#
_cell.length_a   147.370
_cell.length_b   90.488
_cell.length_c   86.496
_cell.angle_alpha   90.000
_cell.angle_beta   122.090
_cell.angle_gamma   90.000
#
_symmetry.space_group_name_H-M   'C 1 2 1'
#
loop_
_entity.id
_entity.type
_entity.pdbx_description
1 polymer '4-hydroxy-2-oxoheptanedioate aldolase'
2 non-polymer 'PYRUVIC ACID'
3 non-polymer P-HYDROXYBENZALDEHYDE
4 non-polymer 'ZINC ION'
5 non-polymer 'CALCIUM ION'
6 water water
#
_entity_poly.entity_id   1
_entity_poly.type   'polypeptide(L)'
_entity_poly.pdbx_seq_one_letter_code
;MVNTVNYFKQKLKTEQQIGMWVGLADGYCAEIAANVGYDWLLIDGEHAPNDVRSILAQLQSIAAYPSQAVVRPVSGDVPL
IKQLLDIGAQTLLIPMVESAEQAELMVKATRYPPEGIRGVGAALARASRWNNISDYLQTADEQICLLVQVESKKGLDNLD
EILNVDGVDGIFIGPADLSAALGYRGNPGHEFVQNIIVQTIQKIRAAGKAAGILSADEKLAKQYLELGTEFVAVGVDTSL
LMKSMKQLLSKFKNVDGPVSTSPSVY
;
_entity_poly.pdbx_strand_id   A,B,C
#
loop_
_chem_comp.id
_chem_comp.type
_chem_comp.name
_chem_comp.formula
CA non-polymer 'CALCIUM ION' 'Ca 2'
HBA non-polymer P-HYDROXYBENZALDEHYDE 'C7 H6 O2'
PYR non-polymer 'PYRUVIC ACID' 'C3 H4 O3'
ZN non-polymer 'ZINC ION' 'Zn 2'
#
# COMPACT_ATOMS: atom_id res chain seq x y z
N MET A 1 -16.68 -25.04 -13.04
CA MET A 1 -15.20 -25.04 -13.07
C MET A 1 -14.68 -25.55 -11.72
N VAL A 2 -13.70 -26.46 -11.72
CA VAL A 2 -12.98 -26.89 -10.47
C VAL A 2 -11.86 -25.86 -10.22
N ASN A 3 -11.52 -25.64 -8.93
CA ASN A 3 -10.43 -24.71 -8.52
C ASN A 3 -9.17 -25.13 -9.29
N THR A 4 -8.40 -24.17 -9.80
CA THR A 4 -7.06 -24.35 -10.42
C THR A 4 -6.18 -25.19 -9.48
N VAL A 5 -5.61 -26.29 -9.96
CA VAL A 5 -4.80 -27.18 -9.09
C VAL A 5 -3.44 -26.49 -8.90
N ASN A 6 -2.94 -26.42 -7.67
CA ASN A 6 -1.61 -25.81 -7.43
C ASN A 6 -0.55 -26.92 -7.63
N TYR A 7 -0.03 -27.03 -8.85
CA TYR A 7 0.96 -28.08 -9.22
C TYR A 7 2.29 -27.76 -8.51
N PHE A 8 2.62 -26.48 -8.32
CA PHE A 8 3.82 -26.08 -7.57
C PHE A 8 3.75 -26.76 -6.20
N LYS A 9 2.63 -26.60 -5.51
CA LYS A 9 2.46 -27.11 -4.15
C LYS A 9 2.66 -28.65 -4.17
N GLN A 10 2.03 -29.35 -5.12
CA GLN A 10 2.10 -30.83 -5.19
C GLN A 10 3.54 -31.25 -5.48
N LYS A 11 4.19 -30.56 -6.40
CA LYS A 11 5.55 -30.90 -6.86
C LYS A 11 6.60 -30.63 -5.77
N LEU A 12 6.28 -29.91 -4.70
CA LEU A 12 7.22 -29.74 -3.54
C LEU A 12 7.58 -31.13 -2.96
N LYS A 13 6.74 -32.14 -3.16
CA LYS A 13 6.95 -33.49 -2.57
C LYS A 13 7.41 -34.50 -3.64
N THR A 14 7.45 -34.15 -4.92
CA THR A 14 7.69 -35.16 -6.00
C THR A 14 8.88 -34.79 -6.90
N GLU A 15 9.32 -33.53 -6.96
CA GLU A 15 10.44 -33.19 -7.86
C GLU A 15 11.13 -31.90 -7.41
N GLN A 16 12.15 -31.51 -8.14
CA GLN A 16 12.92 -30.27 -7.91
C GLN A 16 12.51 -29.28 -9.01
N GLN A 17 11.92 -28.15 -8.61
CA GLN A 17 11.29 -27.18 -9.55
C GLN A 17 12.27 -26.04 -9.82
N ILE A 18 12.55 -25.76 -11.09
CA ILE A 18 13.49 -24.70 -11.56
C ILE A 18 12.70 -23.40 -11.79
N GLY A 19 13.18 -22.30 -11.20
CA GLY A 19 12.46 -21.04 -11.11
C GLY A 19 13.19 -19.92 -11.79
N MET A 20 12.43 -18.93 -12.27
CA MET A 20 12.95 -17.67 -12.83
C MET A 20 12.32 -16.53 -12.03
N TRP A 21 13.15 -15.57 -11.62
CA TRP A 21 12.67 -14.35 -10.93
C TRP A 21 12.13 -13.37 -11.97
N VAL A 22 10.95 -12.79 -11.72
CA VAL A 22 10.29 -11.85 -12.68
C VAL A 22 10.20 -10.50 -12.00
N GLY A 23 11.12 -9.59 -12.32
CA GLY A 23 11.12 -8.21 -11.81
C GLY A 23 10.92 -7.19 -12.89
N LEU A 24 10.54 -7.57 -14.11
CA LEU A 24 10.32 -6.56 -15.18
C LEU A 24 8.96 -5.87 -14.99
N ALA A 25 8.08 -6.41 -14.12
CA ALA A 25 6.94 -5.70 -13.50
C ALA A 25 5.88 -5.35 -14.55
N ASP A 26 5.60 -6.26 -15.46
CA ASP A 26 4.92 -5.89 -16.71
C ASP A 26 4.25 -7.17 -17.26
N GLY A 27 2.97 -7.11 -17.65
CA GLY A 27 2.25 -8.26 -18.25
C GLY A 27 2.93 -8.80 -19.50
N TYR A 28 3.51 -7.94 -20.33
CA TYR A 28 4.12 -8.33 -21.63
C TYR A 28 5.42 -9.09 -21.34
N CYS A 29 6.32 -8.52 -20.53
CA CYS A 29 7.58 -9.20 -20.09
C CYS A 29 7.29 -10.51 -19.35
N ALA A 30 6.28 -10.54 -18.48
CA ALA A 30 5.91 -11.78 -17.77
C ALA A 30 5.51 -12.85 -18.78
N GLU A 31 4.76 -12.48 -19.82
CA GLU A 31 4.36 -13.48 -20.86
C GLU A 31 5.62 -14.05 -21.56
N ILE A 32 6.61 -13.23 -21.84
CA ILE A 32 7.85 -13.70 -22.50
C ILE A 32 8.48 -14.78 -21.62
N ALA A 33 8.60 -14.51 -20.32
CA ALA A 33 9.20 -15.45 -19.34
C ALA A 33 8.36 -16.74 -19.34
N ALA A 34 7.04 -16.60 -19.43
CA ALA A 34 6.10 -17.74 -19.29
C ALA A 34 6.27 -18.70 -20.47
N ASN A 35 6.81 -18.26 -21.59
CA ASN A 35 7.00 -19.11 -22.81
C ASN A 35 8.22 -20.00 -22.69
N VAL A 36 9.12 -19.77 -21.71
CA VAL A 36 10.44 -20.44 -21.70
C VAL A 36 10.29 -21.89 -21.22
N GLY A 37 9.47 -22.17 -20.20
CA GLY A 37 9.31 -23.53 -19.67
C GLY A 37 9.85 -23.68 -18.25
N TYR A 38 10.05 -22.59 -17.49
CA TYR A 38 10.42 -22.68 -16.05
C TYR A 38 9.28 -23.37 -15.31
N ASP A 39 9.61 -24.13 -14.28
CA ASP A 39 8.61 -24.80 -13.42
C ASP A 39 7.82 -23.71 -12.66
N TRP A 40 8.49 -22.62 -12.29
CA TRP A 40 7.85 -21.54 -11.51
C TRP A 40 8.47 -20.20 -11.85
N LEU A 41 7.64 -19.17 -11.73
CA LEU A 41 7.99 -17.75 -12.01
C LEU A 41 7.66 -17.01 -10.72
N LEU A 42 8.63 -16.27 -10.18
CA LEU A 42 8.45 -15.45 -8.94
C LEU A 42 8.14 -14.00 -9.37
N ILE A 43 6.90 -13.59 -9.19
CA ILE A 43 6.47 -12.19 -9.44
C ILE A 43 6.82 -11.42 -8.19
N ASP A 44 7.82 -10.55 -8.32
CA ASP A 44 8.48 -9.93 -7.14
C ASP A 44 7.78 -8.61 -6.79
N GLY A 45 6.94 -8.64 -5.76
CA GLY A 45 6.28 -7.44 -5.22
C GLY A 45 7.11 -6.78 -4.14
N GLU A 46 8.29 -7.31 -3.82
CA GLU A 46 9.15 -6.76 -2.75
C GLU A 46 10.24 -5.89 -3.37
N HIS A 47 10.91 -6.33 -4.42
CA HIS A 47 12.12 -5.64 -4.94
C HIS A 47 11.94 -5.21 -6.40
N ALA A 48 10.76 -5.41 -6.99
CA ALA A 48 10.45 -4.82 -8.31
C ALA A 48 9.25 -3.90 -8.14
N PRO A 49 9.07 -2.88 -9.03
CA PRO A 49 8.04 -1.86 -8.86
C PRO A 49 6.64 -2.38 -9.24
N ASN A 50 6.11 -3.26 -8.40
CA ASN A 50 4.79 -3.93 -8.63
C ASN A 50 3.78 -3.45 -7.59
N ASP A 51 2.51 -3.52 -7.94
CA ASP A 51 1.39 -3.32 -7.00
C ASP A 51 0.38 -4.41 -7.32
N VAL A 52 -0.73 -4.46 -6.59
CA VAL A 52 -1.76 -5.50 -6.82
C VAL A 52 -2.14 -5.52 -8.30
N ARG A 53 -2.40 -4.36 -8.91
CA ARG A 53 -2.90 -4.32 -10.30
C ARG A 53 -1.83 -4.81 -11.29
N SER A 54 -0.54 -4.46 -11.12
CA SER A 54 0.51 -4.95 -12.06
C SER A 54 0.71 -6.45 -11.83
N ILE A 55 0.56 -6.95 -10.60
CA ILE A 55 0.71 -8.40 -10.32
C ILE A 55 -0.46 -9.15 -10.98
N LEU A 56 -1.68 -8.61 -10.89
CA LEU A 56 -2.87 -9.19 -11.58
C LEU A 56 -2.57 -9.35 -13.07
N ALA A 57 -2.08 -8.30 -13.73
CA ALA A 57 -1.79 -8.34 -15.18
C ALA A 57 -0.81 -9.50 -15.47
N GLN A 58 0.18 -9.71 -14.62
CA GLN A 58 1.24 -10.73 -14.85
C GLN A 58 0.64 -12.11 -14.63
N LEU A 59 -0.22 -12.29 -13.63
CA LEU A 59 -0.95 -13.57 -13.41
C LEU A 59 -1.79 -13.89 -14.66
N GLN A 60 -2.49 -12.90 -15.22
CA GLN A 60 -3.34 -13.12 -16.42
C GLN A 60 -2.46 -13.60 -17.60
N SER A 61 -1.30 -12.97 -17.80
CA SER A 61 -0.37 -13.31 -18.92
C SER A 61 0.08 -14.76 -18.78
N ILE A 62 0.58 -15.07 -17.59
CA ILE A 62 1.25 -16.36 -17.24
C ILE A 62 0.22 -17.49 -17.27
N ALA A 63 -1.06 -17.19 -16.99
CA ALA A 63 -2.12 -18.19 -16.77
C ALA A 63 -2.30 -19.09 -18.00
N ALA A 64 -1.97 -18.66 -19.21
CA ALA A 64 -2.14 -19.45 -20.44
C ALA A 64 -1.03 -20.50 -20.57
N TYR A 65 -0.06 -20.52 -19.67
CA TYR A 65 1.19 -21.31 -19.81
C TYR A 65 1.32 -22.23 -18.60
N PRO A 66 2.05 -23.35 -18.75
CA PRO A 66 2.23 -24.28 -17.63
C PRO A 66 3.04 -23.75 -16.42
N SER A 67 3.91 -22.76 -16.59
CA SER A 67 4.75 -22.21 -15.48
C SER A 67 3.83 -21.79 -14.34
N GLN A 68 4.13 -22.23 -13.11
CA GLN A 68 3.34 -21.90 -11.92
C GLN A 68 3.78 -20.54 -11.36
N ALA A 69 2.83 -19.68 -11.01
CA ALA A 69 3.13 -18.34 -10.48
C ALA A 69 3.25 -18.41 -8.94
N VAL A 70 4.29 -17.77 -8.45
CA VAL A 70 4.57 -17.53 -7.02
C VAL A 70 4.69 -16.03 -6.87
N VAL A 71 4.00 -15.45 -5.90
CA VAL A 71 4.03 -13.98 -5.67
C VAL A 71 4.72 -13.68 -4.36
N ARG A 72 5.70 -12.79 -4.40
CA ARG A 72 6.33 -12.25 -3.19
C ARG A 72 5.73 -10.89 -2.85
N PRO A 73 4.94 -10.77 -1.77
CA PRO A 73 4.51 -9.44 -1.31
C PRO A 73 5.66 -8.66 -0.67
N VAL A 74 5.51 -7.33 -0.55
CA VAL A 74 6.57 -6.43 -0.01
C VAL A 74 6.89 -6.79 1.44
N SER A 75 5.94 -7.37 2.18
CA SER A 75 6.12 -7.77 3.60
C SER A 75 5.00 -8.71 3.97
N GLY A 76 5.08 -9.32 5.16
CA GLY A 76 4.02 -10.21 5.68
C GLY A 76 2.84 -9.41 6.18
N ASP A 77 2.21 -8.64 5.29
CA ASP A 77 1.08 -7.74 5.65
C ASP A 77 -0.21 -8.52 5.40
N VAL A 78 -1.06 -8.66 6.41
CA VAL A 78 -2.23 -9.58 6.33
C VAL A 78 -3.19 -9.06 5.24
N PRO A 79 -3.56 -7.75 5.24
CA PRO A 79 -4.49 -7.24 4.23
C PRO A 79 -3.94 -7.35 2.81
N LEU A 80 -2.64 -7.16 2.62
CA LEU A 80 -2.00 -7.31 1.27
C LEU A 80 -2.04 -8.77 0.85
N ILE A 81 -1.79 -9.69 1.76
CA ILE A 81 -1.92 -11.15 1.49
C ILE A 81 -3.35 -11.45 0.99
N LYS A 82 -4.36 -10.95 1.70
CA LYS A 82 -5.79 -11.04 1.29
C LYS A 82 -5.94 -10.56 -0.16
N GLN A 83 -5.39 -9.40 -0.51
CA GLN A 83 -5.57 -8.83 -1.87
C GLN A 83 -4.92 -9.76 -2.91
N LEU A 84 -3.72 -10.29 -2.62
CA LEU A 84 -2.98 -11.13 -3.60
C LEU A 84 -3.67 -12.48 -3.77
N LEU A 85 -4.19 -13.06 -2.69
CA LEU A 85 -4.98 -14.32 -2.80
C LEU A 85 -6.24 -14.08 -3.68
N ASP A 86 -6.91 -12.95 -3.53
CA ASP A 86 -8.20 -12.73 -4.24
C ASP A 86 -7.96 -12.51 -5.73
N ILE A 87 -6.82 -11.95 -6.15
CA ILE A 87 -6.53 -11.79 -7.61
C ILE A 87 -6.08 -13.14 -8.17
N GLY A 88 -5.83 -14.11 -7.30
CA GLY A 88 -5.71 -15.52 -7.70
C GLY A 88 -4.31 -16.09 -7.54
N ALA A 89 -3.38 -15.39 -6.88
CA ALA A 89 -2.05 -15.94 -6.52
C ALA A 89 -2.24 -17.13 -5.59
N GLN A 90 -1.80 -18.32 -5.99
CA GLN A 90 -2.05 -19.52 -5.15
C GLN A 90 -0.84 -19.88 -4.30
N THR A 91 0.33 -19.32 -4.61
CA THR A 91 1.57 -19.56 -3.83
C THR A 91 2.16 -18.21 -3.45
N LEU A 92 2.41 -17.98 -2.16
CA LEU A 92 3.04 -16.73 -1.70
C LEU A 92 4.39 -17.02 -1.04
N LEU A 93 5.35 -16.12 -1.27
CA LEU A 93 6.68 -16.16 -0.63
C LEU A 93 6.78 -14.93 0.27
N ILE A 94 6.74 -15.13 1.59
CA ILE A 94 6.74 -14.01 2.58
C ILE A 94 8.18 -13.68 2.95
N PRO A 95 8.66 -12.45 2.71
CA PRO A 95 10.03 -12.10 3.07
C PRO A 95 10.21 -11.93 4.58
N MET A 96 11.45 -12.14 5.03
CA MET A 96 11.95 -11.70 6.36
C MET A 96 11.07 -12.24 7.47
N VAL A 97 10.77 -13.54 7.43
CA VAL A 97 10.03 -14.19 8.54
C VAL A 97 11.06 -14.57 9.62
N GLU A 98 10.78 -14.22 10.87
CA GLU A 98 11.78 -14.24 11.96
C GLU A 98 11.27 -14.94 13.23
N SER A 99 10.08 -15.53 13.24
CA SER A 99 9.57 -16.25 14.45
C SER A 99 8.46 -17.23 14.04
N ALA A 100 8.22 -18.23 14.89
CA ALA A 100 7.08 -19.16 14.78
C ALA A 100 5.76 -18.38 14.86
N GLU A 101 5.69 -17.36 15.72
CA GLU A 101 4.46 -16.53 15.91
C GLU A 101 4.13 -15.82 14.58
N GLN A 102 5.13 -15.22 13.90
CA GLN A 102 4.93 -14.56 12.59
C GLN A 102 4.54 -15.62 11.55
N ALA A 103 5.22 -16.76 11.51
CA ALA A 103 4.91 -17.83 10.54
C ALA A 103 3.46 -18.32 10.75
N GLU A 104 3.03 -18.53 12.00
CA GLU A 104 1.64 -18.96 12.30
C GLU A 104 0.65 -17.90 11.78
N LEU A 105 0.95 -16.61 11.94
CA LEU A 105 0.04 -15.52 11.52
C LEU A 105 -0.09 -15.56 9.99
N MET A 106 0.99 -15.83 9.27
CA MET A 106 1.03 -15.96 7.79
C MET A 106 0.21 -17.18 7.37
N VAL A 107 0.22 -18.25 8.17
CA VAL A 107 -0.62 -19.44 7.86
C VAL A 107 -2.08 -19.01 7.89
N LYS A 108 -2.47 -18.34 8.98
CA LYS A 108 -3.87 -17.92 9.22
C LYS A 108 -4.25 -16.92 8.13
N ALA A 109 -3.33 -16.06 7.72
CA ALA A 109 -3.59 -15.02 6.69
C ALA A 109 -3.99 -15.68 5.37
N THR A 110 -3.58 -16.93 5.12
CA THR A 110 -3.85 -17.64 3.85
C THR A 110 -5.07 -18.55 3.94
N ARG A 111 -5.75 -18.64 5.09
CA ARG A 111 -6.87 -19.59 5.27
C ARG A 111 -8.13 -18.87 5.74
N TYR A 112 -9.28 -19.29 5.24
CA TYR A 112 -10.59 -18.67 5.58
C TYR A 112 -10.95 -18.92 7.03
N PRO A 113 -11.75 -18.02 7.64
CA PRO A 113 -12.36 -18.30 8.93
C PRO A 113 -13.22 -19.53 8.76
N PRO A 114 -13.52 -20.27 9.86
CA PRO A 114 -13.15 -19.87 11.22
C PRO A 114 -11.70 -20.22 11.62
N GLU A 115 -10.99 -21.05 10.85
CA GLU A 115 -9.63 -21.53 11.23
C GLU A 115 -8.59 -20.45 10.95
N GLY A 116 -8.77 -19.65 9.89
CA GLY A 116 -7.83 -18.57 9.56
C GLY A 116 -8.46 -17.19 9.59
N ILE A 117 -7.80 -16.19 8.99
CA ILE A 117 -8.25 -14.78 9.05
C ILE A 117 -8.29 -14.19 7.63
N ARG A 118 -8.18 -15.03 6.60
CA ARG A 118 -8.33 -14.55 5.21
C ARG A 118 -9.72 -13.93 5.05
N GLY A 119 -9.76 -12.65 4.67
CA GLY A 119 -11.05 -11.98 4.39
C GLY A 119 -11.83 -12.67 3.29
N VAL A 120 -13.15 -12.75 3.46
CA VAL A 120 -14.06 -13.53 2.59
C VAL A 120 -14.72 -12.58 1.59
N GLY A 121 -14.37 -12.70 0.31
CA GLY A 121 -14.94 -11.86 -0.76
C GLY A 121 -14.86 -12.55 -2.10
N ALA A 122 -15.38 -13.79 -2.16
CA ALA A 122 -15.21 -14.76 -3.27
C ALA A 122 -15.89 -14.24 -4.54
N ALA A 123 -17.12 -13.76 -4.42
CA ALA A 123 -17.94 -13.25 -5.54
C ALA A 123 -17.12 -12.30 -6.43
N LEU A 124 -16.27 -11.47 -5.84
CA LEU A 124 -15.56 -10.36 -6.52
C LEU A 124 -14.24 -10.79 -7.15
N ALA A 125 -13.77 -11.99 -6.81
CA ALA A 125 -12.34 -12.34 -6.90
C ALA A 125 -12.09 -13.13 -8.18
N ARG A 126 -10.99 -12.83 -8.88
CA ARG A 126 -10.45 -13.75 -9.91
C ARG A 126 -10.16 -15.13 -9.30
N ALA A 127 -9.82 -15.18 -8.00
CA ALA A 127 -9.47 -16.45 -7.33
C ALA A 127 -10.62 -17.48 -7.49
N SER A 128 -11.88 -17.04 -7.41
CA SER A 128 -13.07 -17.92 -7.51
C SER A 128 -13.60 -17.90 -8.96
N ARG A 129 -12.87 -17.22 -9.84
CA ARG A 129 -13.35 -16.81 -11.17
C ARG A 129 -14.77 -16.25 -11.05
N TRP A 130 -14.98 -15.34 -10.11
CA TRP A 130 -16.26 -14.61 -9.85
C TRP A 130 -17.39 -15.62 -9.61
N ASN A 131 -17.09 -16.60 -8.74
CA ASN A 131 -17.92 -17.75 -8.33
C ASN A 131 -18.22 -18.70 -9.48
N ASN A 132 -17.46 -18.64 -10.58
CA ASN A 132 -17.57 -19.68 -11.63
C ASN A 132 -16.90 -20.98 -11.15
N ILE A 133 -15.98 -20.90 -10.18
CA ILE A 133 -15.58 -22.05 -9.32
C ILE A 133 -16.61 -22.16 -8.18
N SER A 134 -17.65 -22.98 -8.36
CA SER A 134 -18.89 -22.92 -7.52
C SER A 134 -18.60 -23.24 -6.05
N ASP A 135 -17.66 -24.14 -5.75
CA ASP A 135 -17.38 -24.60 -4.37
C ASP A 135 -16.07 -23.97 -3.86
N TYR A 136 -15.70 -22.81 -4.41
CA TYR A 136 -14.40 -22.16 -4.09
C TYR A 136 -14.20 -22.08 -2.56
N LEU A 137 -15.21 -21.61 -1.82
CA LEU A 137 -15.02 -21.34 -0.36
C LEU A 137 -14.73 -22.64 0.38
N GLN A 138 -15.07 -23.80 -0.18
CA GLN A 138 -14.80 -25.11 0.43
C GLN A 138 -13.43 -25.67 -0.04
N THR A 139 -12.99 -25.36 -1.26
CA THR A 139 -11.81 -26.00 -1.92
C THR A 139 -10.58 -25.06 -2.00
N ALA A 140 -10.72 -23.80 -1.60
CA ALA A 140 -9.66 -22.78 -1.77
C ALA A 140 -8.43 -23.19 -0.95
N ASP A 141 -8.63 -23.44 0.35
CA ASP A 141 -7.52 -23.54 1.35
C ASP A 141 -6.54 -24.62 0.85
N GLU A 142 -7.03 -25.70 0.23
CA GLU A 142 -6.20 -26.87 -0.18
C GLU A 142 -5.17 -26.53 -1.25
N GLN A 143 -5.46 -25.61 -2.18
CA GLN A 143 -4.58 -25.26 -3.33
C GLN A 143 -3.72 -24.02 -3.01
N ILE A 144 -3.75 -23.53 -1.78
CA ILE A 144 -2.90 -22.37 -1.34
C ILE A 144 -1.60 -22.97 -0.76
N CYS A 145 -0.47 -22.41 -1.17
CA CYS A 145 0.88 -22.83 -0.75
C CYS A 145 1.58 -21.66 -0.06
N LEU A 146 2.04 -21.85 1.18
CA LEU A 146 2.74 -20.76 1.91
C LEU A 146 4.22 -21.09 2.05
N LEU A 147 5.04 -20.20 1.51
CA LEU A 147 6.51 -20.25 1.63
C LEU A 147 6.94 -19.05 2.47
N VAL A 148 7.90 -19.25 3.37
CA VAL A 148 8.45 -18.13 4.20
C VAL A 148 9.95 -18.05 3.99
N GLN A 149 10.48 -16.83 3.97
CA GLN A 149 11.93 -16.61 3.79
C GLN A 149 12.60 -16.54 5.16
N VAL A 150 13.68 -17.33 5.31
CA VAL A 150 14.64 -17.14 6.42
C VAL A 150 15.89 -16.49 5.82
N GLU A 151 16.15 -15.25 6.24
CA GLU A 151 17.18 -14.40 5.58
C GLU A 151 17.69 -13.30 6.55
N SER A 152 17.67 -13.57 7.85
CA SER A 152 18.24 -12.69 8.90
C SER A 152 18.80 -13.58 10.02
N LYS A 153 19.60 -13.00 10.90
CA LYS A 153 20.07 -13.71 12.12
C LYS A 153 18.86 -14.13 12.97
N LYS A 154 17.86 -13.27 13.14
CA LYS A 154 16.71 -13.64 13.99
C LYS A 154 15.96 -14.81 13.35
N GLY A 155 15.81 -14.83 12.02
CA GLY A 155 15.26 -16.01 11.32
C GLY A 155 16.02 -17.28 11.67
N LEU A 156 17.35 -17.28 11.50
CA LEU A 156 18.20 -18.47 11.82
C LEU A 156 18.06 -18.78 13.32
N ASP A 157 17.86 -17.77 14.16
CA ASP A 157 17.72 -17.94 15.63
C ASP A 157 16.40 -18.62 15.97
N ASN A 158 15.44 -18.64 15.02
CA ASN A 158 14.09 -19.19 15.25
C ASN A 158 13.79 -20.27 14.20
N LEU A 159 14.82 -20.79 13.54
CA LEU A 159 14.67 -21.77 12.42
C LEU A 159 13.90 -23.00 12.89
N ASP A 160 14.31 -23.63 14.00
CA ASP A 160 13.67 -24.88 14.49
C ASP A 160 12.19 -24.62 14.81
N GLU A 161 11.90 -23.47 15.41
CA GLU A 161 10.53 -23.04 15.80
C GLU A 161 9.69 -22.81 14.54
N ILE A 162 10.21 -22.12 13.53
CA ILE A 162 9.48 -21.90 12.24
C ILE A 162 9.21 -23.25 11.57
N LEU A 163 10.18 -24.16 11.57
CA LEU A 163 10.09 -25.48 10.88
C LEU A 163 9.06 -26.37 11.58
N ASN A 164 8.63 -26.00 12.78
CA ASN A 164 7.58 -26.75 13.50
C ASN A 164 6.18 -26.18 13.22
N VAL A 165 6.07 -25.14 12.39
CA VAL A 165 4.75 -24.49 12.14
C VAL A 165 4.02 -25.31 11.08
N ASP A 166 2.91 -25.94 11.46
CA ASP A 166 1.99 -26.60 10.50
C ASP A 166 1.42 -25.52 9.58
N GLY A 167 1.60 -25.69 8.30
CA GLY A 167 0.99 -24.80 7.30
C GLY A 167 2.08 -24.05 6.57
N VAL A 168 3.30 -24.05 7.10
CA VAL A 168 4.47 -23.57 6.33
C VAL A 168 4.86 -24.71 5.39
N ASP A 169 4.67 -24.54 4.07
CA ASP A 169 4.99 -25.61 3.08
C ASP A 169 6.48 -25.62 2.75
N GLY A 170 7.14 -24.47 2.81
CA GLY A 170 8.52 -24.33 2.32
C GLY A 170 9.20 -23.19 3.03
N ILE A 171 10.49 -23.33 3.28
CA ILE A 171 11.34 -22.22 3.75
C ILE A 171 12.34 -21.91 2.64
N PHE A 172 12.34 -20.66 2.21
CA PHE A 172 13.24 -20.16 1.16
C PHE A 172 14.34 -19.34 1.82
N ILE A 173 15.58 -19.58 1.42
CA ILE A 173 16.78 -18.85 1.93
C ILE A 173 17.08 -17.69 0.98
N GLY A 174 17.17 -16.48 1.52
CA GLY A 174 17.53 -15.26 0.77
C GLY A 174 19.01 -14.93 0.94
N PRO A 175 19.92 -15.31 0.01
CA PRO A 175 21.35 -15.11 0.23
C PRO A 175 21.78 -13.63 0.28
N ALA A 176 21.11 -12.73 -0.43
CA ALA A 176 21.46 -11.29 -0.39
C ALA A 176 21.18 -10.73 1.02
N ASP A 177 19.94 -10.87 1.51
CA ASP A 177 19.57 -10.38 2.85
C ASP A 177 20.40 -11.15 3.90
N LEU A 178 20.59 -12.46 3.75
CA LEU A 178 21.28 -13.25 4.80
C LEU A 178 22.76 -12.84 4.87
N SER A 179 23.44 -12.74 3.73
CA SER A 179 24.87 -12.37 3.67
C SER A 179 25.06 -10.98 4.27
N ALA A 180 24.18 -10.04 3.98
CA ALA A 180 24.23 -8.68 4.57
C ALA A 180 24.05 -8.76 6.10
N ALA A 181 23.07 -9.52 6.60
CA ALA A 181 22.78 -9.68 8.05
C ALA A 181 24.01 -10.22 8.77
N LEU A 182 24.77 -11.08 8.08
CA LEU A 182 25.96 -11.77 8.62
C LEU A 182 27.20 -10.86 8.52
N GLY A 183 27.06 -9.65 7.97
CA GLY A 183 28.18 -8.70 7.80
C GLY A 183 29.05 -9.04 6.60
N TYR A 184 28.53 -9.83 5.65
CA TYR A 184 29.18 -10.12 4.35
C TYR A 184 28.29 -9.59 3.22
N ARG A 185 27.84 -8.35 3.36
CA ARG A 185 26.98 -7.68 2.35
C ARG A 185 27.67 -7.71 0.99
N GLY A 186 26.97 -8.22 -0.02
CA GLY A 186 27.48 -8.34 -1.40
C GLY A 186 28.36 -9.56 -1.60
N ASN A 187 28.57 -10.41 -0.59
CA ASN A 187 29.57 -11.53 -0.65
C ASN A 187 28.97 -12.81 -0.09
N PRO A 188 27.82 -13.26 -0.62
CA PRO A 188 27.20 -14.51 -0.16
C PRO A 188 28.04 -15.75 -0.49
N GLY A 189 28.91 -15.66 -1.52
CA GLY A 189 29.81 -16.72 -1.97
C GLY A 189 30.83 -17.15 -0.90
N HIS A 190 31.07 -16.33 0.13
CA HIS A 190 32.03 -16.65 1.23
C HIS A 190 31.61 -17.94 1.96
N GLU A 191 32.61 -18.76 2.26
CA GLU A 191 32.48 -20.05 2.97
C GLU A 191 31.67 -19.88 4.26
N PHE A 192 31.90 -18.83 5.04
CA PHE A 192 31.14 -18.55 6.29
C PHE A 192 29.62 -18.59 5.98
N VAL A 193 29.20 -17.83 4.97
CA VAL A 193 27.77 -17.73 4.55
C VAL A 193 27.34 -19.08 3.97
N GLN A 194 28.13 -19.65 3.07
CA GLN A 194 27.70 -20.89 2.37
C GLN A 194 27.51 -22.03 3.36
N ASN A 195 28.38 -22.18 4.37
CA ASN A 195 28.25 -23.31 5.33
C ASN A 195 26.93 -23.12 6.08
N ILE A 196 26.56 -21.89 6.41
CA ILE A 196 25.26 -21.61 7.10
C ILE A 196 24.09 -21.95 6.17
N ILE A 197 24.18 -21.60 4.90
CA ILE A 197 23.12 -21.91 3.90
C ILE A 197 22.95 -23.43 3.79
N VAL A 198 24.04 -24.19 3.66
CA VAL A 198 23.98 -25.66 3.46
C VAL A 198 23.35 -26.33 4.70
N GLN A 199 23.81 -25.97 5.88
CA GLN A 199 23.30 -26.47 7.18
C GLN A 199 21.80 -26.15 7.25
N THR A 200 21.41 -24.93 6.84
CA THR A 200 20.00 -24.45 6.88
C THR A 200 19.15 -25.32 5.95
N ILE A 201 19.61 -25.57 4.73
CA ILE A 201 18.90 -26.45 3.76
C ILE A 201 18.72 -27.84 4.41
N GLN A 202 19.78 -28.40 4.99
CA GLN A 202 19.71 -29.76 5.59
C GLN A 202 18.65 -29.80 6.69
N LYS A 203 18.59 -28.78 7.54
CA LYS A 203 17.64 -28.71 8.68
C LYS A 203 16.21 -28.58 8.14
N ILE A 204 15.99 -27.74 7.12
CA ILE A 204 14.66 -27.56 6.49
C ILE A 204 14.16 -28.94 6.02
N ARG A 205 14.97 -29.66 5.26
CA ARG A 205 14.54 -30.95 4.67
C ARG A 205 14.41 -32.00 5.79
N ALA A 206 15.22 -31.95 6.83
CA ALA A 206 15.17 -32.92 7.96
C ALA A 206 13.83 -32.76 8.70
N ALA A 207 13.24 -31.57 8.71
CA ALA A 207 11.96 -31.27 9.39
C ALA A 207 10.78 -31.56 8.48
N GLY A 208 11.01 -32.10 7.28
CA GLY A 208 9.93 -32.51 6.35
C GLY A 208 9.36 -31.34 5.56
N LYS A 209 10.05 -30.19 5.51
CA LYS A 209 9.57 -29.03 4.69
C LYS A 209 10.37 -28.95 3.40
N ALA A 210 9.81 -28.28 2.38
CA ALA A 210 10.51 -27.94 1.12
C ALA A 210 11.51 -26.82 1.40
N ALA A 211 12.72 -26.93 0.85
CA ALA A 211 13.77 -25.90 0.92
C ALA A 211 13.83 -25.21 -0.42
N GLY A 212 14.11 -23.92 -0.40
CA GLY A 212 14.25 -23.12 -1.62
C GLY A 212 15.31 -22.08 -1.49
N ILE A 213 15.77 -21.59 -2.62
CA ILE A 213 16.85 -20.59 -2.69
C ILE A 213 16.88 -20.01 -4.10
N LEU A 214 17.49 -18.84 -4.21
CA LEU A 214 17.88 -18.21 -5.48
C LEU A 214 19.40 -18.15 -5.57
N SER A 215 19.96 -18.56 -6.70
CA SER A 215 21.34 -18.22 -7.10
C SER A 215 21.45 -18.12 -8.62
N ALA A 216 21.99 -17.02 -9.10
CA ALA A 216 22.37 -16.79 -10.51
C ALA A 216 23.71 -17.46 -10.80
N ASP A 217 24.40 -17.97 -9.78
CA ASP A 217 25.67 -18.73 -9.98
C ASP A 217 25.33 -20.17 -10.35
N GLU A 218 25.65 -20.61 -11.57
CA GLU A 218 25.28 -21.97 -12.04
C GLU A 218 25.85 -23.04 -11.10
N LYS A 219 27.10 -22.88 -10.66
CA LYS A 219 27.76 -23.91 -9.80
C LYS A 219 27.02 -24.01 -8.46
N LEU A 220 26.74 -22.88 -7.81
CA LEU A 220 26.02 -22.89 -6.51
C LEU A 220 24.63 -23.50 -6.71
N ALA A 221 23.90 -23.09 -7.75
CA ALA A 221 22.53 -23.60 -8.00
C ALA A 221 22.57 -25.12 -8.16
N LYS A 222 23.52 -25.64 -8.94
CA LYS A 222 23.66 -27.10 -9.11
C LYS A 222 24.06 -27.78 -7.79
N GLN A 223 24.89 -27.14 -6.98
CA GLN A 223 25.23 -27.67 -5.63
C GLN A 223 23.93 -27.75 -4.81
N TYR A 224 23.11 -26.71 -4.82
CA TYR A 224 21.86 -26.70 -4.00
C TYR A 224 20.93 -27.81 -4.51
N LEU A 225 20.82 -27.97 -5.83
CA LEU A 225 20.02 -29.07 -6.43
C LEU A 225 20.60 -30.42 -5.99
N GLU A 226 21.92 -30.57 -5.91
CA GLU A 226 22.52 -31.89 -5.51
C GLU A 226 22.14 -32.20 -4.05
N LEU A 227 21.97 -31.19 -3.20
CA LEU A 227 21.56 -31.34 -1.77
C LEU A 227 20.09 -31.73 -1.65
N GLY A 228 19.30 -31.63 -2.73
CA GLY A 228 17.88 -32.04 -2.73
C GLY A 228 16.94 -30.85 -2.60
N THR A 229 17.45 -29.63 -2.67
CA THR A 229 16.65 -28.38 -2.53
C THR A 229 15.48 -28.44 -3.51
N GLU A 230 14.24 -28.30 -3.02
CA GLU A 230 12.98 -28.58 -3.76
C GLU A 230 12.66 -27.47 -4.78
N PHE A 231 12.92 -26.20 -4.47
CA PHE A 231 12.57 -25.08 -5.38
C PHE A 231 13.76 -24.13 -5.46
N VAL A 232 14.41 -24.13 -6.61
CA VAL A 232 15.64 -23.35 -6.88
C VAL A 232 15.37 -22.41 -8.03
N ALA A 233 15.45 -21.10 -7.76
CA ALA A 233 15.43 -20.05 -8.78
C ALA A 233 16.88 -19.84 -9.25
N VAL A 234 17.10 -19.81 -10.56
CA VAL A 234 18.44 -19.95 -11.17
C VAL A 234 18.82 -18.66 -11.90
N GLY A 235 17.95 -17.65 -11.89
CA GLY A 235 18.24 -16.39 -12.61
C GLY A 235 17.14 -15.36 -12.42
N VAL A 236 17.35 -14.16 -12.95
CA VAL A 236 16.51 -12.96 -12.76
C VAL A 236 16.36 -12.31 -14.14
N ASP A 237 15.12 -12.02 -14.54
CA ASP A 237 14.84 -11.47 -15.89
C ASP A 237 15.62 -10.15 -16.07
N THR A 238 15.57 -9.21 -15.12
CA THR A 238 16.30 -7.93 -15.28
C THR A 238 17.80 -8.19 -15.50
N SER A 239 18.40 -9.09 -14.71
CA SER A 239 19.85 -9.41 -14.81
C SER A 239 20.14 -10.03 -16.17
N LEU A 240 19.34 -11.01 -16.60
CA LEU A 240 19.56 -11.66 -17.92
C LEU A 240 19.43 -10.62 -19.04
N LEU A 241 18.44 -9.72 -18.95
CA LEU A 241 18.28 -8.70 -20.00
C LEU A 241 19.54 -7.82 -20.05
N MET A 242 19.96 -7.29 -18.91
CA MET A 242 21.06 -6.31 -18.85
C MET A 242 22.35 -7.00 -19.33
N LYS A 243 22.66 -8.18 -18.81
CA LYS A 243 23.92 -8.92 -19.10
C LYS A 243 23.97 -9.30 -20.60
N SER A 244 22.87 -9.79 -21.16
CA SER A 244 22.79 -10.19 -22.60
C SER A 244 23.04 -8.95 -23.46
N MET A 245 22.50 -7.78 -23.11
CA MET A 245 22.67 -6.57 -23.94
C MET A 245 24.11 -6.07 -23.80
N LYS A 246 24.71 -6.21 -22.62
CA LYS A 246 26.11 -5.76 -22.38
C LYS A 246 27.07 -6.68 -23.14
N GLN A 247 26.90 -7.99 -23.05
CA GLN A 247 27.75 -9.01 -23.72
C GLN A 247 27.70 -8.78 -25.24
N LEU A 248 26.52 -8.49 -25.79
CA LEU A 248 26.38 -8.22 -27.23
C LEU A 248 27.16 -6.95 -27.61
N LEU A 249 26.98 -5.86 -26.85
CA LEU A 249 27.67 -4.58 -27.19
C LEU A 249 29.19 -4.80 -27.16
N SER A 250 29.68 -5.58 -26.20
CA SER A 250 31.13 -5.80 -25.98
C SER A 250 31.77 -6.44 -27.23
N LYS A 251 30.99 -7.14 -28.06
CA LYS A 251 31.48 -7.76 -29.33
C LYS A 251 31.75 -6.69 -30.39
N PHE A 252 31.21 -5.47 -30.22
CA PHE A 252 31.34 -4.36 -31.20
C PHE A 252 31.98 -3.11 -30.59
N LYS A 253 32.06 -3.02 -29.25
CA LYS A 253 32.37 -1.83 -28.39
C LYS A 253 32.06 -0.53 -29.14
N MET B 1 29.62 2.26 -14.10
CA MET B 1 28.88 3.45 -13.60
C MET B 1 29.15 3.60 -12.10
N VAL B 2 29.45 4.84 -11.64
CA VAL B 2 29.52 5.17 -10.19
C VAL B 2 28.08 5.53 -9.74
N ASN B 3 27.76 5.29 -8.45
CA ASN B 3 26.43 5.63 -7.86
C ASN B 3 26.15 7.11 -8.17
N THR B 4 24.91 7.44 -8.50
CA THR B 4 24.42 8.84 -8.71
C THR B 4 24.75 9.65 -7.45
N VAL B 5 25.42 10.80 -7.60
CA VAL B 5 25.84 11.60 -6.42
C VAL B 5 24.59 12.36 -5.94
N ASN B 6 24.32 12.33 -4.63
CA ASN B 6 23.16 13.06 -4.07
C ASN B 6 23.63 14.51 -3.79
N TYR B 7 23.43 15.40 -4.75
CA TYR B 7 23.86 16.81 -4.67
C TYR B 7 22.95 17.54 -3.69
N PHE B 8 21.68 17.11 -3.55
CA PHE B 8 20.77 17.68 -2.53
C PHE B 8 21.45 17.53 -1.16
N LYS B 9 21.87 16.32 -0.86
CA LYS B 9 22.47 15.97 0.44
C LYS B 9 23.73 16.83 0.68
N GLN B 10 24.62 16.94 -0.30
CA GLN B 10 25.87 17.71 -0.15
C GLN B 10 25.53 19.19 0.04
N LYS B 11 24.60 19.71 -0.76
CA LYS B 11 24.23 21.14 -0.75
C LYS B 11 23.52 21.53 0.56
N LEU B 12 23.08 20.58 1.39
CA LEU B 12 22.51 20.90 2.74
C LEU B 12 23.55 21.64 3.60
N LYS B 13 24.84 21.50 3.31
CA LYS B 13 25.93 22.12 4.11
C LYS B 13 26.56 23.31 3.37
N THR B 14 26.21 23.58 2.10
CA THR B 14 26.93 24.58 1.27
C THR B 14 26.02 25.69 0.74
N GLU B 15 24.70 25.48 0.65
CA GLU B 15 23.82 26.55 0.10
C GLU B 15 22.37 26.38 0.58
N GLN B 16 21.52 27.27 0.12
CA GLN B 16 20.07 27.26 0.41
C GLN B 16 19.38 26.81 -0.86
N GLN B 17 18.68 25.68 -0.80
CA GLN B 17 18.08 25.02 -2.00
C GLN B 17 16.61 25.38 -2.10
N ILE B 18 16.21 25.90 -3.26
CA ILE B 18 14.81 26.32 -3.57
C ILE B 18 14.06 25.16 -4.22
N GLY B 19 12.90 24.83 -3.65
CA GLY B 19 12.13 23.63 -4.00
C GLY B 19 10.79 23.96 -4.56
N MET B 20 10.23 23.00 -5.32
CA MET B 20 8.87 23.04 -5.88
C MET B 20 8.18 21.73 -5.47
N TRP B 21 6.96 21.83 -4.95
CA TRP B 21 6.12 20.66 -4.62
C TRP B 21 5.51 20.10 -5.91
N VAL B 22 5.58 18.78 -6.10
CA VAL B 22 5.08 18.12 -7.32
C VAL B 22 3.95 17.18 -6.91
N GLY B 23 2.72 17.64 -7.05
CA GLY B 23 1.52 16.87 -6.69
C GLY B 23 0.67 16.55 -7.89
N LEU B 24 1.15 16.80 -9.11
CA LEU B 24 0.33 16.50 -10.31
C LEU B 24 0.37 15.01 -10.63
N ALA B 25 1.28 14.24 -10.03
CA ALA B 25 1.22 12.76 -9.89
C ALA B 25 1.40 12.09 -11.26
N ASP B 26 2.28 12.61 -12.09
CA ASP B 26 2.28 12.23 -13.51
C ASP B 26 3.70 12.46 -14.07
N GLY B 27 4.25 11.53 -14.86
CA GLY B 27 5.60 11.68 -15.46
C GLY B 27 5.73 12.90 -16.36
N TYR B 28 4.68 13.23 -17.11
CA TYR B 28 4.68 14.36 -18.08
C TYR B 28 4.72 15.69 -17.32
N CYS B 29 3.80 15.90 -16.36
CA CYS B 29 3.83 17.09 -15.47
C CYS B 29 5.14 17.21 -14.69
N ALA B 30 5.67 16.11 -14.16
CA ALA B 30 6.96 16.14 -13.42
C ALA B 30 8.06 16.64 -14.37
N GLU B 31 8.07 16.19 -15.63
CA GLU B 31 9.10 16.67 -16.60
C GLU B 31 8.96 18.19 -16.82
N ILE B 32 7.75 18.71 -16.90
CA ILE B 32 7.56 20.17 -17.10
C ILE B 32 8.23 20.90 -15.94
N ALA B 33 7.96 20.45 -14.71
CA ALA B 33 8.53 21.07 -13.49
C ALA B 33 10.05 20.99 -13.56
N ALA B 34 10.58 19.86 -14.03
CA ALA B 34 12.02 19.55 -14.03
C ALA B 34 12.76 20.54 -14.95
N ASN B 35 12.09 21.14 -15.94
CA ASN B 35 12.71 22.08 -16.92
C ASN B 35 12.90 23.46 -16.30
N VAL B 36 12.30 23.75 -15.13
CA VAL B 36 12.23 25.16 -14.63
C VAL B 36 13.59 25.57 -14.05
N GLY B 37 14.26 24.70 -13.29
CA GLY B 37 15.55 24.99 -12.66
C GLY B 37 15.46 25.06 -11.13
N TYR B 38 14.46 24.43 -10.50
CA TYR B 38 14.38 24.33 -9.01
C TYR B 38 15.55 23.47 -8.55
N ASP B 39 16.09 23.77 -7.39
CA ASP B 39 17.17 22.98 -6.79
C ASP B 39 16.63 21.57 -6.47
N TRP B 40 15.36 21.50 -6.05
CA TRP B 40 14.76 20.22 -5.66
C TRP B 40 13.27 20.21 -5.99
N LEU B 41 12.76 19.00 -6.22
CA LEU B 41 11.35 18.72 -6.59
C LEU B 41 10.87 17.68 -5.57
N LEU B 42 9.79 17.99 -4.85
CA LEU B 42 9.19 17.07 -3.86
C LEU B 42 8.08 16.29 -4.56
N ILE B 43 8.31 15.00 -4.80
CA ILE B 43 7.29 14.09 -5.39
C ILE B 43 6.45 13.61 -4.21
N ASP B 44 5.20 14.09 -4.13
CA ASP B 44 4.39 13.95 -2.90
C ASP B 44 3.60 12.64 -2.91
N GLY B 45 4.07 11.63 -2.18
CA GLY B 45 3.37 10.34 -2.01
C GLY B 45 2.42 10.34 -0.83
N GLU B 46 2.33 11.46 -0.08
CA GLU B 46 1.43 11.57 1.09
C GLU B 46 0.13 12.27 0.69
N HIS B 47 0.17 13.35 -0.08
CA HIS B 47 -1.03 14.20 -0.28
C HIS B 47 -1.39 14.36 -1.76
N ALA B 48 -0.65 13.69 -2.66
CA ALA B 48 -1.06 13.58 -4.07
C ALA B 48 -1.27 12.11 -4.39
N PRO B 49 -2.09 11.78 -5.43
CA PRO B 49 -2.48 10.39 -5.71
C PRO B 49 -1.38 9.63 -6.45
N ASN B 50 -0.33 9.28 -5.70
CA ASN B 50 0.89 8.60 -6.20
C ASN B 50 0.99 7.21 -5.59
N ASP B 51 1.66 6.30 -6.29
CA ASP B 51 2.05 4.98 -5.76
C ASP B 51 3.49 4.75 -6.22
N VAL B 52 4.08 3.63 -5.84
CA VAL B 52 5.48 3.32 -6.24
C VAL B 52 5.63 3.51 -7.75
N ARG B 53 4.71 2.95 -8.54
CA ARG B 53 4.86 2.97 -10.01
C ARG B 53 4.77 4.40 -10.55
N SER B 54 3.84 5.25 -10.05
CA SER B 54 3.74 6.64 -10.56
C SER B 54 4.97 7.44 -10.09
N ILE B 55 5.51 7.13 -8.91
CA ILE B 55 6.72 7.85 -8.41
C ILE B 55 7.91 7.47 -9.30
N LEU B 56 8.02 6.19 -9.68
CA LEU B 56 9.07 5.71 -10.62
C LEU B 56 9.04 6.53 -11.90
N ALA B 57 7.86 6.63 -12.52
CA ALA B 57 7.71 7.36 -13.79
C ALA B 57 8.26 8.79 -13.63
N GLN B 58 8.00 9.42 -12.48
CA GLN B 58 8.39 10.85 -12.26
C GLN B 58 9.89 10.94 -12.04
N LEU B 59 10.48 9.99 -11.29
CA LEU B 59 11.96 9.91 -11.14
C LEU B 59 12.60 9.77 -12.53
N GLN B 60 12.06 8.90 -13.38
CA GLN B 60 12.60 8.70 -14.76
C GLN B 60 12.55 10.01 -15.55
N SER B 61 11.45 10.77 -15.48
CA SER B 61 11.29 12.05 -16.21
C SER B 61 12.33 13.06 -15.73
N ILE B 62 12.41 13.20 -14.42
CA ILE B 62 13.23 14.24 -13.72
C ILE B 62 14.71 13.93 -13.92
N ALA B 63 15.09 12.66 -14.08
CA ALA B 63 16.49 12.15 -14.06
C ALA B 63 17.32 12.83 -15.14
N ALA B 64 16.75 13.28 -16.24
CA ALA B 64 17.50 13.93 -17.33
C ALA B 64 17.84 15.39 -16.99
N TYR B 65 17.38 15.91 -15.86
CA TYR B 65 17.49 17.36 -15.52
C TYR B 65 18.27 17.51 -14.23
N PRO B 66 18.91 18.67 -14.00
CA PRO B 66 19.68 18.88 -12.77
C PRO B 66 18.87 18.88 -11.46
N SER B 67 17.57 19.18 -11.49
CA SER B 67 16.72 19.27 -10.26
C SER B 67 16.82 17.95 -9.50
N GLN B 68 17.08 18.01 -8.20
CA GLN B 68 17.20 16.80 -7.35
C GLN B 68 15.82 16.35 -6.88
N ALA B 69 15.52 15.06 -6.97
CA ALA B 69 14.21 14.52 -6.52
C ALA B 69 14.28 14.12 -5.03
N VAL B 70 13.26 14.54 -4.33
CA VAL B 70 12.96 14.18 -2.92
C VAL B 70 11.58 13.54 -2.95
N VAL B 71 11.41 12.40 -2.31
CA VAL B 71 10.12 11.66 -2.29
C VAL B 71 9.56 11.66 -0.87
N ARG B 72 8.30 12.08 -0.73
CA ARG B 72 7.58 11.93 0.55
C ARG B 72 6.70 10.69 0.48
N PRO B 73 6.99 9.61 1.22
CA PRO B 73 6.04 8.50 1.35
C PRO B 73 4.82 8.88 2.22
N VAL B 74 3.73 8.11 2.09
CA VAL B 74 2.45 8.39 2.80
C VAL B 74 2.68 8.34 4.32
N SER B 75 3.68 7.60 4.79
CA SER B 75 3.97 7.45 6.24
C SER B 75 5.36 6.82 6.40
N GLY B 76 5.87 6.80 7.62
CA GLY B 76 7.16 6.17 7.93
C GLY B 76 7.06 4.66 7.96
N ASP B 77 6.67 4.09 6.83
CA ASP B 77 6.39 2.63 6.69
C ASP B 77 7.69 1.99 6.16
N VAL B 78 8.27 1.03 6.90
CA VAL B 78 9.63 0.51 6.60
C VAL B 78 9.60 -0.15 5.21
N PRO B 79 8.64 -1.06 4.90
CA PRO B 79 8.60 -1.71 3.60
C PRO B 79 8.41 -0.74 2.44
N LEU B 80 7.58 0.30 2.61
CA LEU B 80 7.39 1.33 1.53
C LEU B 80 8.68 2.11 1.32
N ILE B 81 9.39 2.45 2.40
CA ILE B 81 10.74 3.12 2.29
C ILE B 81 11.66 2.21 1.44
N LYS B 82 11.73 0.92 1.76
CA LYS B 82 12.48 -0.09 0.96
C LYS B 82 12.11 0.05 -0.53
N GLN B 83 10.83 0.07 -0.86
CA GLN B 83 10.38 0.12 -2.26
C GLN B 83 10.86 1.42 -2.93
N LEU B 84 10.76 2.53 -2.22
CA LEU B 84 11.06 3.86 -2.82
C LEU B 84 12.58 3.99 -3.00
N LEU B 85 13.38 3.48 -2.07
CA LEU B 85 14.85 3.46 -2.25
C LEU B 85 15.22 2.59 -3.48
N ASP B 86 14.54 1.46 -3.68
CA ASP B 86 14.96 0.54 -4.77
C ASP B 86 14.61 1.12 -6.15
N ILE B 87 13.59 1.98 -6.29
CA ILE B 87 13.24 2.61 -7.59
C ILE B 87 14.18 3.79 -7.82
N GLY B 88 14.95 4.14 -6.80
CA GLY B 88 16.12 5.03 -6.95
C GLY B 88 15.95 6.39 -6.31
N ALA B 89 14.92 6.60 -5.49
CA ALA B 89 14.77 7.84 -4.70
C ALA B 89 15.93 7.93 -3.70
N GLN B 90 16.75 8.97 -3.78
CA GLN B 90 17.94 9.04 -2.90
C GLN B 90 17.68 9.94 -1.70
N THR B 91 16.65 10.77 -1.73
CA THR B 91 16.27 11.63 -0.57
C THR B 91 14.81 11.37 -0.22
N LEU B 92 14.54 11.05 1.06
CA LEU B 92 13.16 10.83 1.53
C LEU B 92 12.79 11.86 2.60
N LEU B 93 11.53 12.30 2.56
CA LEU B 93 10.92 13.23 3.53
C LEU B 93 9.83 12.44 4.26
N ILE B 94 10.07 12.05 5.51
CA ILE B 94 9.12 11.22 6.30
C ILE B 94 8.16 12.14 7.05
N PRO B 95 6.84 12.03 6.81
CA PRO B 95 5.88 12.85 7.52
C PRO B 95 5.69 12.42 8.97
N MET B 96 5.29 13.39 9.79
CA MET B 96 4.70 13.17 11.12
C MET B 96 5.64 12.32 11.98
N VAL B 97 6.92 12.71 12.05
CA VAL B 97 7.89 12.04 12.96
C VAL B 97 7.75 12.69 14.33
N GLU B 98 7.59 11.87 15.38
CA GLU B 98 7.16 12.35 16.71
C GLU B 98 8.06 11.83 17.84
N SER B 99 9.15 11.12 17.57
CA SER B 99 10.05 10.66 18.67
C SER B 99 11.45 10.34 18.10
N ALA B 100 12.45 10.32 18.97
CA ALA B 100 13.83 9.87 18.66
C ALA B 100 13.78 8.41 18.19
N GLU B 101 12.95 7.58 18.84
CA GLU B 101 12.79 6.14 18.55
C GLU B 101 12.28 5.97 17.11
N GLN B 102 11.30 6.77 16.69
CA GLN B 102 10.76 6.69 15.32
C GLN B 102 11.83 7.20 14.34
N ALA B 103 12.50 8.30 14.64
CA ALA B 103 13.57 8.83 13.76
C ALA B 103 14.70 7.79 13.62
N GLU B 104 15.11 7.13 14.71
CA GLU B 104 16.16 6.09 14.64
C GLU B 104 15.70 4.96 13.70
N LEU B 105 14.43 4.57 13.76
CA LEU B 105 13.91 3.47 12.92
C LEU B 105 13.97 3.88 11.44
N MET B 106 13.65 5.13 11.12
CA MET B 106 13.72 5.73 9.76
C MET B 106 15.18 5.73 9.28
N VAL B 107 16.13 5.98 10.19
CA VAL B 107 17.58 5.93 9.83
C VAL B 107 17.89 4.51 9.37
N LYS B 108 17.51 3.52 10.18
CA LYS B 108 17.81 2.10 9.92
C LYS B 108 17.11 1.67 8.63
N ALA B 109 15.90 2.18 8.40
CA ALA B 109 15.06 1.83 7.22
C ALA B 109 15.82 2.21 5.95
N THR B 110 16.71 3.20 6.01
CA THR B 110 17.42 3.73 4.82
C THR B 110 18.83 3.12 4.64
N ARG B 111 19.27 2.25 5.55
CA ARG B 111 20.63 1.69 5.48
C ARG B 111 20.61 0.17 5.44
N TYR B 112 21.54 -0.42 4.69
CA TYR B 112 21.63 -1.89 4.55
C TYR B 112 22.06 -2.55 5.86
N PRO B 113 21.66 -3.81 6.08
CA PRO B 113 22.24 -4.61 7.15
C PRO B 113 23.74 -4.70 6.89
N PRO B 114 24.56 -4.94 7.94
CA PRO B 114 24.07 -5.28 9.27
C PRO B 114 23.69 -4.08 10.15
N GLU B 115 24.04 -2.85 9.79
CA GLU B 115 23.82 -1.63 10.60
C GLU B 115 22.36 -1.18 10.48
N GLY B 116 21.75 -1.36 9.30
CA GLY B 116 20.34 -0.98 9.07
C GLY B 116 19.43 -2.16 8.77
N ILE B 117 18.22 -1.89 8.26
CA ILE B 117 17.18 -2.92 8.01
C ILE B 117 16.64 -2.73 6.58
N ARG B 118 17.28 -1.93 5.75
CA ARG B 118 16.90 -1.83 4.32
C ARG B 118 17.05 -3.21 3.66
N GLY B 119 15.95 -3.71 3.10
CA GLY B 119 15.94 -5.01 2.39
C GLY B 119 16.87 -4.98 1.19
N VAL B 120 17.61 -6.07 1.00
CA VAL B 120 18.70 -6.15 -0.01
C VAL B 120 18.14 -6.82 -1.26
N GLY B 121 18.05 -6.06 -2.35
CA GLY B 121 17.56 -6.55 -3.66
C GLY B 121 18.09 -5.73 -4.81
N ALA B 122 19.41 -5.52 -4.82
CA ALA B 122 20.16 -4.60 -5.72
C ALA B 122 19.99 -5.02 -7.19
N ALA B 123 20.19 -6.30 -7.50
CA ALA B 123 20.09 -6.86 -8.87
C ALA B 123 18.85 -6.31 -9.60
N LEU B 124 17.72 -6.16 -8.89
CA LEU B 124 16.37 -5.88 -9.47
C LEU B 124 16.10 -4.37 -9.57
N ALA B 125 16.95 -3.55 -8.96
CA ALA B 125 16.59 -2.18 -8.56
C ALA B 125 17.11 -1.19 -9.61
N ARG B 126 16.27 -0.24 -9.99
CA ARG B 126 16.79 0.98 -10.69
C ARG B 126 17.85 1.65 -9.82
N ALA B 127 17.79 1.51 -8.50
CA ALA B 127 18.76 2.19 -7.59
C ALA B 127 20.19 1.80 -7.96
N SER B 128 20.43 0.53 -8.31
CA SER B 128 21.77 0.00 -8.67
C SER B 128 21.97 0.06 -10.19
N ARG B 129 20.99 0.63 -10.90
CA ARG B 129 20.81 0.45 -12.36
C ARG B 129 21.03 -1.02 -12.71
N TRP B 130 20.34 -1.91 -12.01
CA TRP B 130 20.31 -3.39 -12.25
C TRP B 130 21.76 -3.91 -12.26
N ASN B 131 22.54 -3.46 -11.27
CA ASN B 131 23.96 -3.82 -10.96
C ASN B 131 24.92 -3.24 -11.98
N ASN B 132 24.47 -2.31 -12.83
CA ASN B 132 25.38 -1.54 -13.70
C ASN B 132 26.22 -0.59 -12.85
N ILE B 133 25.73 -0.18 -11.66
CA ILE B 133 26.56 0.43 -10.58
C ILE B 133 27.18 -0.73 -9.79
N SER B 134 28.39 -1.17 -10.16
CA SER B 134 28.95 -2.50 -9.77
C SER B 134 29.15 -2.58 -8.25
N ASP B 135 29.46 -1.47 -7.58
CA ASP B 135 29.80 -1.45 -6.13
C ASP B 135 28.64 -0.84 -5.33
N TYR B 136 27.43 -0.88 -5.87
CA TYR B 136 26.24 -0.23 -5.25
C TYR B 136 26.11 -0.62 -3.78
N LEU B 137 26.19 -1.92 -3.45
CA LEU B 137 25.91 -2.35 -2.05
C LEU B 137 26.95 -1.76 -1.09
N GLN B 138 28.12 -1.33 -1.57
CA GLN B 138 29.15 -0.67 -0.73
C GLN B 138 28.96 0.86 -0.71
N THR B 139 28.41 1.47 -1.75
CA THR B 139 28.40 2.96 -1.95
C THR B 139 26.99 3.57 -1.77
N ALA B 140 25.95 2.75 -1.58
CA ALA B 140 24.54 3.23 -1.55
C ALA B 140 24.31 4.14 -0.33
N ASP B 141 24.64 3.65 0.87
CA ASP B 141 24.24 4.30 2.15
C ASP B 141 24.71 5.77 2.09
N GLU B 142 25.88 6.07 1.50
CA GLU B 142 26.50 7.42 1.53
C GLU B 142 25.70 8.45 0.72
N GLN B 143 24.96 8.05 -0.32
CA GLN B 143 24.20 9.00 -1.18
C GLN B 143 22.72 9.02 -0.79
N ILE B 144 22.33 8.37 0.29
CA ILE B 144 20.92 8.40 0.82
C ILE B 144 20.84 9.55 1.84
N CYS B 145 19.82 10.38 1.68
CA CYS B 145 19.53 11.52 2.56
C CYS B 145 18.19 11.32 3.28
N LEU B 146 18.18 11.40 4.61
CA LEU B 146 16.94 11.24 5.39
C LEU B 146 16.51 12.58 5.97
N LEU B 147 15.31 13.01 5.58
CA LEU B 147 14.64 14.21 6.14
C LEU B 147 13.43 13.71 6.93
N VAL B 148 13.16 14.33 8.08
CA VAL B 148 11.95 13.99 8.87
C VAL B 148 11.15 15.26 9.13
N GLN B 149 9.83 15.11 9.16
CA GLN B 149 8.93 16.26 9.38
C GLN B 149 8.58 16.34 10.86
N VAL B 150 8.78 17.52 11.43
CA VAL B 150 8.18 17.89 12.75
C VAL B 150 6.98 18.79 12.46
N GLU B 151 5.78 18.30 12.78
CA GLU B 151 4.52 18.97 12.35
C GLU B 151 3.35 18.59 13.26
N SER B 152 3.62 18.28 14.52
CA SER B 152 2.62 18.00 15.57
C SER B 152 3.18 18.48 16.90
N LYS B 153 2.31 18.58 17.92
CA LYS B 153 2.73 18.92 19.29
C LYS B 153 3.70 17.85 19.80
N LYS B 154 3.41 16.57 19.54
CA LYS B 154 4.33 15.50 20.03
C LYS B 154 5.71 15.62 19.36
N GLY B 155 5.76 15.93 18.06
CA GLY B 155 7.04 16.25 17.38
C GLY B 155 7.79 17.38 18.09
N LEU B 156 7.12 18.50 18.37
CA LEU B 156 7.76 19.65 19.07
C LEU B 156 8.18 19.21 20.49
N ASP B 157 7.40 18.31 21.11
CA ASP B 157 7.67 17.79 22.47
C ASP B 157 8.89 16.88 22.47
N ASN B 158 9.34 16.43 21.29
CA ASN B 158 10.47 15.48 21.17
C ASN B 158 11.54 16.07 20.25
N LEU B 159 11.49 17.38 20.00
CA LEU B 159 12.38 18.07 19.02
C LEU B 159 13.85 17.86 19.40
N ASP B 160 14.23 18.13 20.66
CA ASP B 160 15.65 18.05 21.10
C ASP B 160 16.15 16.61 20.91
N GLU B 161 15.31 15.64 21.22
CA GLU B 161 15.62 14.18 21.11
C GLU B 161 15.78 13.80 19.64
N ILE B 162 14.87 14.24 18.76
CA ILE B 162 15.00 13.96 17.30
C ILE B 162 16.29 14.60 16.76
N LEU B 163 16.62 15.82 17.22
CA LEU B 163 17.79 16.57 16.72
C LEU B 163 19.09 15.90 17.15
N ASN B 164 19.02 14.99 18.11
CA ASN B 164 20.21 14.25 18.58
C ASN B 164 20.35 12.92 17.83
N VAL B 165 19.48 12.61 16.86
CA VAL B 165 19.55 11.31 16.13
C VAL B 165 20.59 11.45 15.01
N ASP B 166 21.66 10.68 15.09
CA ASP B 166 22.64 10.51 14.00
C ASP B 166 21.93 9.80 12.85
N GLY B 167 21.97 10.41 11.69
CA GLY B 167 21.42 9.83 10.46
C GLY B 167 20.26 10.66 9.98
N VAL B 168 19.71 11.53 10.83
CA VAL B 168 18.71 12.54 10.40
C VAL B 168 19.50 13.70 9.79
N ASP B 169 19.38 13.92 8.48
CA ASP B 169 20.15 14.98 7.78
C ASP B 169 19.39 16.30 7.90
N GLY B 170 18.07 16.25 8.03
CA GLY B 170 17.26 17.49 7.95
C GLY B 170 15.97 17.31 8.69
N ILE B 171 15.50 18.37 9.31
CA ILE B 171 14.13 18.42 9.86
C ILE B 171 13.36 19.45 9.07
N PHE B 172 12.24 19.01 8.51
CA PHE B 172 11.32 19.87 7.74
C PHE B 172 10.11 20.17 8.59
N ILE B 173 9.70 21.43 8.62
CA ILE B 173 8.50 21.91 9.37
C ILE B 173 7.31 21.94 8.42
N GLY B 174 6.22 21.30 8.81
CA GLY B 174 4.96 21.25 8.03
C GLY B 174 3.96 22.25 8.58
N PRO B 175 3.85 23.48 8.01
CA PRO B 175 3.00 24.50 8.61
C PRO B 175 1.50 24.15 8.61
N ALA B 176 1.01 23.41 7.61
CA ALA B 176 -0.42 23.02 7.57
C ALA B 176 -0.73 22.08 8.75
N ASP B 177 0.00 20.98 8.86
CA ASP B 177 -0.24 19.99 9.94
C ASP B 177 0.05 20.69 11.27
N LEU B 178 1.10 21.51 11.36
CA LEU B 178 1.50 22.06 12.69
C LEU B 178 0.44 23.07 13.15
N SER B 179 -0.03 23.94 12.26
CA SER B 179 -1.02 24.99 12.60
C SER B 179 -2.33 24.32 13.00
N ALA B 180 -2.73 23.24 12.33
CA ALA B 180 -3.92 22.46 12.72
C ALA B 180 -3.70 21.83 14.13
N ALA B 181 -2.54 21.23 14.39
CA ALA B 181 -2.25 20.59 15.69
C ALA B 181 -2.34 21.63 16.81
N LEU B 182 -1.98 22.88 16.51
CA LEU B 182 -1.92 23.98 17.51
C LEU B 182 -3.32 24.62 17.68
N GLY B 183 -4.34 24.13 16.97
CA GLY B 183 -5.71 24.65 17.02
C GLY B 183 -5.87 25.92 16.17
N TYR B 184 -4.96 26.17 15.22
CA TYR B 184 -5.04 27.28 14.24
C TYR B 184 -5.13 26.70 12.83
N ARG B 185 -5.98 25.69 12.64
CA ARG B 185 -6.18 25.01 11.34
C ARG B 185 -6.51 26.03 10.26
N GLY B 186 -5.74 26.02 9.17
CA GLY B 186 -5.93 26.94 8.04
C GLY B 186 -5.33 28.31 8.28
N ASN B 187 -4.67 28.56 9.42
CA ASN B 187 -4.13 29.90 9.79
C ASN B 187 -2.71 29.82 10.30
N PRO B 188 -1.78 29.23 9.51
CA PRO B 188 -0.39 29.15 9.91
C PRO B 188 0.28 30.53 10.03
N GLY B 189 -0.24 31.54 9.32
CA GLY B 189 0.26 32.93 9.31
C GLY B 189 0.14 33.62 10.67
N HIS B 190 -0.65 33.09 11.62
CA HIS B 190 -0.81 33.67 12.99
C HIS B 190 0.54 33.68 13.73
N GLU B 191 0.81 34.79 14.42
CA GLU B 191 2.01 35.04 15.23
C GLU B 191 2.30 33.87 16.18
N PHE B 192 1.30 33.33 16.87
CA PHE B 192 1.46 32.17 17.78
C PHE B 192 2.19 31.03 17.03
N VAL B 193 1.68 30.68 15.86
CA VAL B 193 2.29 29.60 15.01
C VAL B 193 3.65 30.06 14.52
N GLN B 194 3.75 31.29 13.99
CA GLN B 194 5.01 31.73 13.34
C GLN B 194 6.16 31.77 14.36
N ASN B 195 5.91 32.22 15.60
CA ASN B 195 7.01 32.32 16.59
C ASN B 195 7.49 30.90 16.90
N ILE B 196 6.59 29.93 16.92
CA ILE B 196 7.00 28.51 17.18
C ILE B 196 7.84 28.02 15.98
N ILE B 197 7.45 28.34 14.76
CA ILE B 197 8.19 27.91 13.54
C ILE B 197 9.61 28.50 13.58
N VAL B 198 9.75 29.81 13.84
CA VAL B 198 11.07 30.51 13.85
C VAL B 198 11.97 29.87 14.91
N GLN B 199 11.45 29.74 16.13
CA GLN B 199 12.15 29.11 17.28
C GLN B 199 12.63 27.72 16.85
N THR B 200 11.75 26.95 16.19
CA THR B 200 12.02 25.56 15.73
C THR B 200 13.14 25.59 14.70
N ILE B 201 13.09 26.49 13.72
CA ILE B 201 14.18 26.64 12.70
C ILE B 201 15.50 26.89 13.46
N GLN B 202 15.50 27.80 14.44
CA GLN B 202 16.75 28.18 15.16
C GLN B 202 17.32 26.97 15.89
N LYS B 203 16.47 26.17 16.53
CA LYS B 203 16.88 24.98 17.31
C LYS B 203 17.47 23.93 16.37
N ILE B 204 16.83 23.72 15.21
CA ILE B 204 17.29 22.72 14.20
C ILE B 204 18.72 23.09 13.76
N ARG B 205 18.94 24.32 13.37
CA ARG B 205 20.24 24.77 12.86
C ARG B 205 21.27 24.77 13.99
N ALA B 206 20.89 25.08 15.23
CA ALA B 206 21.83 25.14 16.38
C ALA B 206 22.35 23.72 16.68
N ALA B 207 21.57 22.69 16.37
CA ALA B 207 21.95 21.27 16.58
C ALA B 207 22.74 20.74 15.38
N GLY B 208 23.04 21.59 14.39
CA GLY B 208 23.87 21.22 13.23
C GLY B 208 23.09 20.45 12.17
N LYS B 209 21.75 20.46 12.19
CA LYS B 209 20.96 19.78 11.14
C LYS B 209 20.44 20.82 10.15
N ALA B 210 20.11 20.40 8.93
CA ALA B 210 19.44 21.25 7.93
C ALA B 210 17.98 21.47 8.35
N ALA B 211 17.50 22.69 8.23
CA ALA B 211 16.09 23.06 8.46
C ALA B 211 15.42 23.21 7.11
N GLY B 212 14.17 22.80 7.00
CA GLY B 212 13.35 22.97 5.79
C GLY B 212 11.93 23.33 6.10
N ILE B 213 11.24 23.86 5.10
CA ILE B 213 9.84 24.33 5.26
C ILE B 213 9.28 24.54 3.86
N LEU B 214 7.97 24.50 3.76
CA LEU B 214 7.18 24.95 2.59
C LEU B 214 6.41 26.21 2.97
N SER B 215 6.47 27.24 2.13
CA SER B 215 5.48 28.34 2.11
C SER B 215 5.33 28.89 0.69
N ALA B 216 4.09 28.95 0.24
CA ALA B 216 3.66 29.63 -0.99
C ALA B 216 3.58 31.13 -0.74
N ASP B 217 3.73 31.60 0.50
CA ASP B 217 3.78 33.06 0.80
C ASP B 217 5.18 33.58 0.53
N GLU B 218 5.37 34.44 -0.47
CA GLU B 218 6.71 34.95 -0.85
C GLU B 218 7.40 35.61 0.35
N LYS B 219 6.68 36.42 1.13
CA LYS B 219 7.30 37.14 2.27
C LYS B 219 7.77 36.13 3.33
N LEU B 220 6.92 35.15 3.68
CA LEU B 220 7.30 34.13 4.69
C LEU B 220 8.51 33.35 4.18
N ALA B 221 8.48 32.89 2.92
CA ALA B 221 9.60 32.10 2.34
C ALA B 221 10.89 32.92 2.41
N LYS B 222 10.85 34.19 2.01
CA LYS B 222 12.06 35.04 2.08
C LYS B 222 12.51 35.22 3.55
N GLN B 223 11.58 35.36 4.49
CA GLN B 223 11.93 35.43 5.94
C GLN B 223 12.66 34.14 6.33
N TYR B 224 12.14 32.97 5.93
CA TYR B 224 12.76 31.68 6.34
C TYR B 224 14.15 31.58 5.75
N LEU B 225 14.31 32.01 4.49
CA LEU B 225 15.63 32.05 3.82
C LEU B 225 16.57 33.00 4.57
N GLU B 226 16.07 34.14 5.07
CA GLU B 226 16.94 35.11 5.80
C GLU B 226 17.46 34.47 7.10
N LEU B 227 16.68 33.59 7.72
CA LEU B 227 17.07 32.88 8.97
C LEU B 227 18.11 31.80 8.68
N GLY B 228 18.35 31.45 7.41
CA GLY B 228 19.39 30.46 7.03
C GLY B 228 18.79 29.10 6.71
N THR B 229 17.47 28.97 6.65
CA THR B 229 16.76 27.69 6.39
C THR B 229 17.35 27.07 5.11
N GLU B 230 17.83 25.83 5.20
CA GLU B 230 18.68 25.19 4.16
C GLU B 230 17.83 24.72 2.96
N PHE B 231 16.59 24.27 3.15
CA PHE B 231 15.76 23.76 2.03
C PHE B 231 14.32 24.29 2.19
N VAL B 232 13.97 25.21 1.29
CA VAL B 232 12.71 25.96 1.29
C VAL B 232 11.97 25.66 0.00
N ALA B 233 10.82 25.00 0.10
CA ALA B 233 9.86 24.87 -1.02
C ALA B 233 9.01 26.14 -1.05
N VAL B 234 8.82 26.72 -2.22
CA VAL B 234 8.27 28.11 -2.39
C VAL B 234 6.94 28.05 -3.15
N GLY B 235 6.48 26.87 -3.53
CA GLY B 235 5.21 26.75 -4.27
C GLY B 235 4.84 25.30 -4.54
N VAL B 236 3.68 25.09 -5.14
CA VAL B 236 3.05 23.76 -5.39
C VAL B 236 2.50 23.79 -6.81
N ASP B 237 2.81 22.78 -7.62
CA ASP B 237 2.42 22.74 -9.05
C ASP B 237 0.89 22.81 -9.15
N THR B 238 0.12 22.02 -8.40
CA THR B 238 -1.36 22.07 -8.49
C THR B 238 -1.87 23.50 -8.22
N SER B 239 -1.32 24.16 -7.19
CA SER B 239 -1.72 25.53 -6.79
C SER B 239 -1.38 26.52 -7.91
N LEU B 240 -0.14 26.49 -8.41
CA LEU B 240 0.29 27.38 -9.51
C LEU B 240 -0.58 27.13 -10.74
N LEU B 241 -0.91 25.86 -11.06
CA LEU B 241 -1.77 25.61 -12.24
C LEU B 241 -3.14 26.25 -12.01
N MET B 242 -3.80 25.97 -10.87
CA MET B 242 -5.17 26.45 -10.60
C MET B 242 -5.16 27.98 -10.59
N LYS B 243 -4.24 28.59 -9.85
CA LYS B 243 -4.20 30.07 -9.66
C LYS B 243 -3.97 30.78 -11.01
N SER B 244 -3.02 30.31 -11.82
CA SER B 244 -2.70 30.90 -13.14
C SER B 244 -3.94 30.80 -14.05
N MET B 245 -4.69 29.70 -14.02
CA MET B 245 -5.86 29.54 -14.91
C MET B 245 -7.00 30.44 -14.43
N LYS B 246 -7.13 30.63 -13.10
CA LYS B 246 -8.17 31.50 -12.51
C LYS B 246 -7.86 32.97 -12.83
N GLN B 247 -6.63 33.41 -12.61
CA GLN B 247 -6.16 34.80 -12.86
C GLN B 247 -6.39 35.16 -14.34
N LEU B 248 -6.11 34.24 -15.26
CA LEU B 248 -6.32 34.45 -16.71
C LEU B 248 -7.82 34.63 -16.99
N LEU B 249 -8.66 33.72 -16.48
CA LEU B 249 -10.10 33.80 -16.78
C LEU B 249 -10.64 35.15 -16.26
N SER B 250 -10.16 35.60 -15.11
CA SER B 250 -10.65 36.83 -14.44
C SER B 250 -10.44 38.06 -15.35
N LYS B 251 -9.45 38.05 -16.25
CA LYS B 251 -9.19 39.14 -17.22
C LYS B 251 -10.32 39.22 -18.27
N PHE B 252 -11.11 38.17 -18.43
CA PHE B 252 -12.17 38.08 -19.47
C PHE B 252 -13.56 37.83 -18.86
N LYS B 253 -13.63 37.39 -17.59
CA LYS B 253 -14.78 36.80 -16.85
C LYS B 253 -15.75 36.09 -17.82
N MET C 1 -16.44 27.97 -4.70
CA MET C 1 -17.19 26.69 -4.62
C MET C 1 -17.44 26.34 -3.15
N VAL C 2 -18.63 25.84 -2.82
CA VAL C 2 -18.96 25.26 -1.47
C VAL C 2 -18.64 23.76 -1.52
N ASN C 3 -18.27 23.17 -0.37
CA ASN C 3 -17.89 21.73 -0.27
C ASN C 3 -19.06 20.90 -0.84
N THR C 4 -18.75 19.81 -1.54
CA THR C 4 -19.76 18.83 -2.05
C THR C 4 -20.60 18.32 -0.87
N VAL C 5 -21.93 18.44 -0.94
CA VAL C 5 -22.82 18.01 0.17
C VAL C 5 -22.82 16.48 0.16
N ASN C 6 -22.65 15.84 1.31
CA ASN C 6 -22.71 14.36 1.37
C ASN C 6 -24.17 13.97 1.60
N TYR C 7 -24.89 13.72 0.51
CA TYR C 7 -26.34 13.41 0.54
C TYR C 7 -26.52 12.00 1.10
N PHE C 8 -25.55 11.10 0.90
CA PHE C 8 -25.58 9.76 1.50
C PHE C 8 -25.71 9.93 3.02
N LYS C 9 -24.83 10.74 3.60
CA LYS C 9 -24.78 10.94 5.06
C LYS C 9 -26.13 11.50 5.54
N GLN C 10 -26.69 12.49 4.84
CA GLN C 10 -27.97 13.13 5.27
C GLN C 10 -29.12 12.12 5.16
N LYS C 11 -29.15 11.35 4.08
CA LYS C 11 -30.22 10.39 3.80
C LYS C 11 -30.18 9.19 4.77
N LEU C 12 -29.12 8.99 5.55
CA LEU C 12 -29.08 7.91 6.59
C LEU C 12 -30.22 8.14 7.61
N LYS C 13 -30.67 9.37 7.77
CA LYS C 13 -31.72 9.74 8.76
C LYS C 13 -33.08 9.96 8.10
N THR C 14 -33.19 9.96 6.76
CA THR C 14 -34.44 10.37 6.07
C THR C 14 -34.98 9.27 5.16
N GLU C 15 -34.19 8.31 4.71
CA GLU C 15 -34.71 7.27 3.78
C GLU C 15 -33.85 6.01 3.81
N GLN C 16 -34.24 5.04 3.01
CA GLN C 16 -33.54 3.75 2.85
C GLN C 16 -32.86 3.81 1.48
N GLN C 17 -31.53 3.75 1.47
CA GLN C 17 -30.72 3.97 0.24
C GLN C 17 -30.33 2.63 -0.36
N ILE C 18 -30.57 2.44 -1.66
CA ILE C 18 -30.29 1.19 -2.42
C ILE C 18 -28.93 1.30 -3.11
N GLY C 19 -28.08 0.29 -2.89
CA GLY C 19 -26.65 0.33 -3.23
C GLY C 19 -26.28 -0.73 -4.23
N MET C 20 -25.23 -0.47 -5.00
CA MET C 20 -24.64 -1.44 -5.95
C MET C 20 -23.15 -1.56 -5.61
N TRP C 21 -22.63 -2.78 -5.51
CA TRP C 21 -21.18 -3.01 -5.26
C TRP C 21 -20.44 -2.84 -6.59
N VAL C 22 -19.34 -2.08 -6.60
CA VAL C 22 -18.54 -1.82 -7.82
C VAL C 22 -17.17 -2.46 -7.62
N GLY C 23 -16.97 -3.65 -8.17
CA GLY C 23 -15.69 -4.38 -8.11
C GLY C 23 -15.05 -4.54 -9.46
N LEU C 24 -15.54 -3.87 -10.51
CA LEU C 24 -14.91 -4.01 -11.85
C LEU C 24 -13.64 -3.17 -11.94
N ALA C 25 -13.42 -2.26 -10.98
CA ALA C 25 -12.09 -1.68 -10.65
C ALA C 25 -11.62 -0.76 -11.78
N ASP C 26 -12.53 0.01 -12.35
CA ASP C 26 -12.27 0.59 -13.67
C ASP C 26 -13.16 1.86 -13.82
N GLY C 27 -12.61 2.99 -14.23
CA GLY C 27 -13.39 4.24 -14.42
C GLY C 27 -14.54 4.09 -15.42
N TYR C 28 -14.36 3.31 -16.48
CA TYR C 28 -15.36 3.12 -17.57
C TYR C 28 -16.51 2.26 -17.02
N CYS C 29 -16.21 1.13 -16.39
CA CYS C 29 -17.25 0.29 -15.71
C CYS C 29 -17.97 1.08 -14.60
N ALA C 30 -17.25 1.86 -13.81
CA ALA C 30 -17.87 2.65 -12.72
C ALA C 30 -18.91 3.62 -13.33
N GLU C 31 -18.57 4.24 -14.46
CA GLU C 31 -19.51 5.18 -15.15
C GLU C 31 -20.77 4.43 -15.61
N ILE C 32 -20.64 3.20 -16.08
CA ILE C 32 -21.82 2.43 -16.53
C ILE C 32 -22.75 2.29 -15.32
N ALA C 33 -22.20 1.89 -14.19
CA ALA C 33 -22.97 1.68 -12.94
C ALA C 33 -23.61 3.01 -12.53
N ALA C 34 -22.90 4.13 -12.71
CA ALA C 34 -23.33 5.46 -12.26
C ALA C 34 -24.57 5.90 -13.02
N ASN C 35 -24.80 5.39 -14.24
CA ASN C 35 -25.97 5.77 -15.08
C ASN C 35 -27.25 5.08 -14.64
N VAL C 36 -27.18 4.05 -13.79
CA VAL C 36 -28.37 3.20 -13.50
C VAL C 36 -29.36 3.94 -12.57
N GLY C 37 -28.87 4.64 -11.54
CA GLY C 37 -29.74 5.36 -10.59
C GLY C 37 -29.70 4.79 -9.17
N TYR C 38 -28.70 3.99 -8.80
CA TYR C 38 -28.51 3.55 -7.41
C TYR C 38 -28.30 4.77 -6.53
N ASP C 39 -28.81 4.72 -5.32
CA ASP C 39 -28.60 5.76 -4.29
C ASP C 39 -27.10 5.84 -3.99
N TRP C 40 -26.42 4.70 -3.92
CA TRP C 40 -24.99 4.64 -3.56
C TRP C 40 -24.28 3.53 -4.31
N LEU C 41 -22.99 3.78 -4.57
CA LEU C 41 -22.07 2.85 -5.27
C LEU C 41 -20.91 2.60 -4.31
N LEU C 42 -20.62 1.34 -4.02
CA LEU C 42 -19.48 0.93 -3.13
C LEU C 42 -18.28 0.60 -4.03
N ILE C 43 -17.28 1.48 -4.01
CA ILE C 43 -16.02 1.26 -4.74
C ILE C 43 -15.16 0.41 -3.80
N ASP C 44 -14.98 -0.86 -4.17
CA ASP C 44 -14.43 -1.88 -3.24
C ASP C 44 -12.90 -1.92 -3.36
N GLY C 45 -12.19 -1.34 -2.37
CA GLY C 45 -10.73 -1.37 -2.28
C GLY C 45 -10.24 -2.53 -1.42
N GLU C 46 -11.13 -3.38 -0.94
CA GLU C 46 -10.78 -4.53 -0.09
C GLU C 46 -10.79 -5.81 -0.93
N HIS C 47 -11.80 -6.05 -1.76
CA HIS C 47 -11.98 -7.35 -2.45
C HIS C 47 -11.98 -7.22 -3.97
N ALA C 48 -11.74 -6.02 -4.51
CA ALA C 48 -11.49 -5.82 -5.95
C ALA C 48 -10.12 -5.21 -6.12
N PRO C 49 -9.47 -5.40 -7.29
CA PRO C 49 -8.09 -4.98 -7.49
C PRO C 49 -7.97 -3.47 -7.76
N ASN C 50 -8.17 -2.69 -6.69
CA ASN C 50 -8.17 -1.20 -6.70
C ASN C 50 -6.96 -0.69 -5.90
N ASP C 51 -6.50 0.51 -6.25
CA ASP C 51 -5.50 1.25 -5.46
C ASP C 51 -6.01 2.68 -5.42
N VAL C 52 -5.28 3.58 -4.77
CA VAL C 52 -5.73 4.99 -4.69
C VAL C 52 -6.00 5.52 -6.09
N ARG C 53 -5.10 5.29 -7.04
CA ARG C 53 -5.25 5.90 -8.38
C ARG C 53 -6.47 5.32 -9.12
N SER C 54 -6.74 4.01 -9.06
CA SER C 54 -7.94 3.46 -9.75
C SER C 54 -9.22 3.94 -9.03
N ILE C 55 -9.19 4.13 -7.71
CA ILE C 55 -10.37 4.65 -6.98
C ILE C 55 -10.62 6.11 -7.40
N LEU C 56 -9.56 6.90 -7.56
CA LEU C 56 -9.68 8.31 -8.04
C LEU C 56 -10.41 8.32 -9.38
N ALA C 57 -9.95 7.51 -10.33
CA ALA C 57 -10.58 7.44 -11.67
C ALA C 57 -12.08 7.18 -11.53
N GLN C 58 -12.48 6.29 -10.62
CA GLN C 58 -13.89 5.85 -10.48
C GLN C 58 -14.67 7.00 -9.82
N LEU C 59 -14.09 7.69 -8.84
CA LEU C 59 -14.72 8.88 -8.23
C LEU C 59 -14.97 9.92 -9.33
N GLN C 60 -14.00 10.15 -10.22
CA GLN C 60 -14.14 11.17 -11.30
C GLN C 60 -15.29 10.79 -12.25
N SER C 61 -15.41 9.52 -12.62
CA SER C 61 -16.48 9.02 -13.52
C SER C 61 -17.85 9.27 -12.90
N ILE C 62 -17.99 8.80 -11.67
CA ILE C 62 -19.25 8.77 -10.88
C ILE C 62 -19.71 10.20 -10.59
N ALA C 63 -18.78 11.16 -10.47
CA ALA C 63 -19.03 12.51 -9.94
C ALA C 63 -20.03 13.28 -10.81
N ALA C 64 -20.20 12.94 -12.08
CA ALA C 64 -21.16 13.63 -12.98
C ALA C 64 -22.59 13.14 -12.74
N TYR C 65 -22.78 12.15 -11.87
CA TYR C 65 -24.07 11.44 -11.69
C TYR C 65 -24.54 11.58 -10.25
N PRO C 66 -25.86 11.50 -10.02
CA PRO C 66 -26.40 11.65 -8.67
C PRO C 66 -25.98 10.56 -7.68
N SER C 67 -25.62 9.37 -8.12
CA SER C 67 -25.23 8.23 -7.22
C SER C 67 -24.10 8.66 -6.30
N GLN C 68 -24.24 8.40 -5.01
CA GLN C 68 -23.23 8.80 -3.98
C GLN C 68 -22.15 7.71 -3.89
N ALA C 69 -20.88 8.10 -3.85
CA ALA C 69 -19.76 7.15 -3.78
C ALA C 69 -19.39 6.89 -2.32
N VAL C 70 -19.26 5.61 -2.01
CA VAL C 70 -18.74 5.06 -0.73
C VAL C 70 -17.52 4.22 -1.09
N VAL C 71 -16.41 4.42 -0.38
CA VAL C 71 -15.15 3.70 -0.67
C VAL C 71 -14.83 2.78 0.51
N ARG C 72 -14.59 1.51 0.21
CA ARG C 72 -14.08 0.55 1.20
C ARG C 72 -12.57 0.41 1.06
N PRO C 73 -11.76 0.90 2.01
CA PRO C 73 -10.33 0.60 2.00
C PRO C 73 -10.05 -0.88 2.38
N VAL C 74 -8.84 -1.37 2.06
CA VAL C 74 -8.43 -2.79 2.30
C VAL C 74 -8.46 -3.10 3.81
N SER C 75 -8.29 -2.10 4.67
CA SER C 75 -8.26 -2.25 6.14
C SER C 75 -8.37 -0.87 6.77
N GLY C 76 -8.57 -0.83 8.08
CA GLY C 76 -8.64 0.44 8.83
C GLY C 76 -7.26 1.04 9.01
N ASP C 77 -6.60 1.37 7.90
CA ASP C 77 -5.22 1.87 7.89
C ASP C 77 -5.29 3.41 7.86
N VAL C 78 -4.68 4.08 8.84
CA VAL C 78 -4.88 5.56 9.03
C VAL C 78 -4.30 6.30 7.81
N PRO C 79 -3.07 6.01 7.35
CA PRO C 79 -2.50 6.70 6.19
C PRO C 79 -3.31 6.47 4.91
N LEU C 80 -3.83 5.26 4.69
CA LEU C 80 -4.68 4.97 3.50
C LEU C 80 -6.00 5.74 3.61
N ILE C 81 -6.59 5.81 4.81
CA ILE C 81 -7.82 6.64 5.00
C ILE C 81 -7.51 8.10 4.59
N LYS C 82 -6.39 8.65 5.06
CA LYS C 82 -5.93 10.01 4.66
C LYS C 82 -5.90 10.12 3.13
N GLN C 83 -5.31 9.15 2.44
CA GLN C 83 -5.19 9.23 0.98
C GLN C 83 -6.58 9.24 0.33
N LEU C 84 -7.48 8.38 0.78
CA LEU C 84 -8.81 8.23 0.12
C LEU C 84 -9.64 9.50 0.39
N LEU C 85 -9.52 10.09 1.57
CA LEU C 85 -10.23 11.37 1.85
C LEU C 85 -9.70 12.49 0.94
N ASP C 86 -8.41 12.51 0.68
CA ASP C 86 -7.82 13.64 -0.10
C ASP C 86 -8.19 13.53 -1.58
N ILE C 87 -8.42 12.33 -2.12
CA ILE C 87 -8.87 12.18 -3.54
C ILE C 87 -10.36 12.51 -3.63
N GLY C 88 -11.03 12.63 -2.48
CA GLY C 88 -12.37 13.23 -2.38
C GLY C 88 -13.46 12.24 -2.02
N ALA C 89 -13.13 11.03 -1.59
CA ALA C 89 -14.10 10.06 -1.02
C ALA C 89 -14.73 10.67 0.24
N GLN C 90 -16.05 10.85 0.26
CA GLN C 90 -16.68 11.54 1.44
C GLN C 90 -17.28 10.52 2.41
N THR C 91 -17.48 9.29 1.96
CA THR C 91 -18.02 8.20 2.82
C THR C 91 -17.08 7.00 2.74
N LEU C 92 -16.64 6.50 3.90
CA LEU C 92 -15.74 5.32 3.97
C LEU C 92 -16.43 4.19 4.73
N LEU C 93 -16.23 2.97 4.24
CA LEU C 93 -16.74 1.74 4.87
C LEU C 93 -15.50 0.95 5.34
N ILE C 94 -15.25 0.92 6.65
CA ILE C 94 -14.02 0.27 7.22
C ILE C 94 -14.31 -1.20 7.50
N PRO C 95 -13.60 -2.17 6.87
CA PRO C 95 -13.87 -3.56 7.16
C PRO C 95 -13.35 -4.00 8.54
N MET C 96 -13.98 -5.05 9.06
CA MET C 96 -13.45 -5.90 10.16
C MET C 96 -13.16 -5.03 11.38
N VAL C 97 -14.10 -4.16 11.77
CA VAL C 97 -13.94 -3.35 12.99
C VAL C 97 -14.41 -4.20 14.18
N GLU C 98 -13.60 -4.28 15.23
CA GLU C 98 -13.79 -5.28 16.30
C GLU C 98 -13.73 -4.67 17.71
N SER C 99 -13.63 -3.35 17.89
CA SER C 99 -13.63 -2.76 19.27
C SER C 99 -14.03 -1.28 19.18
N ALA C 100 -14.48 -0.72 20.31
CA ALA C 100 -14.75 0.72 20.45
C ALA C 100 -13.44 1.49 20.21
N GLU C 101 -12.31 0.97 20.67
CA GLU C 101 -10.98 1.63 20.55
C GLU C 101 -10.62 1.75 19.05
N GLN C 102 -10.87 0.70 18.26
CA GLN C 102 -10.59 0.74 16.81
C GLN C 102 -11.57 1.70 16.14
N ALA C 103 -12.86 1.66 16.49
CA ALA C 103 -13.88 2.56 15.91
C ALA C 103 -13.52 4.02 16.24
N GLU C 104 -13.09 4.31 17.47
CA GLU C 104 -12.68 5.69 17.87
C GLU C 104 -11.52 6.15 17.00
N LEU C 105 -10.55 5.28 16.71
CA LEU C 105 -9.35 5.63 15.92
C LEU C 105 -9.80 5.97 14.48
N MET C 106 -10.76 5.23 13.93
CA MET C 106 -11.34 5.43 12.58
C MET C 106 -12.06 6.79 12.57
N VAL C 107 -12.72 7.16 13.66
CA VAL C 107 -13.37 8.48 13.76
C VAL C 107 -12.29 9.56 13.63
N LYS C 108 -11.20 9.41 14.40
CA LYS C 108 -10.12 10.43 14.43
C LYS C 108 -9.45 10.48 13.06
N ALA C 109 -9.32 9.34 12.42
CA ALA C 109 -8.63 9.20 11.11
C ALA C 109 -9.36 10.06 10.07
N THR C 110 -10.66 10.32 10.25
CA THR C 110 -11.51 11.04 9.27
C THR C 110 -11.67 12.53 9.62
N ARG C 111 -11.08 13.00 10.72
CA ARG C 111 -11.27 14.40 11.16
C ARG C 111 -9.93 15.12 11.30
N TYR C 112 -9.88 16.39 10.97
CA TYR C 112 -8.63 17.18 11.05
C TYR C 112 -8.21 17.42 12.49
N PRO C 113 -6.89 17.63 12.75
CA PRO C 113 -6.46 18.11 14.06
C PRO C 113 -7.10 19.46 14.28
N PRO C 114 -7.25 19.93 15.54
CA PRO C 114 -6.69 19.25 16.71
C PRO C 114 -7.53 18.08 17.23
N GLU C 115 -8.80 17.94 16.81
CA GLU C 115 -9.73 16.93 17.35
C GLU C 115 -9.41 15.55 16.76
N GLY C 116 -8.99 15.48 15.49
CA GLY C 116 -8.63 14.20 14.86
C GLY C 116 -7.18 14.12 14.39
N ILE C 117 -6.88 13.15 13.54
CA ILE C 117 -5.47 12.86 13.13
C ILE C 117 -5.39 12.81 11.60
N ARG C 118 -6.44 13.25 10.90
CA ARG C 118 -6.40 13.34 9.44
C ARG C 118 -5.27 14.30 9.04
N GLY C 119 -4.30 13.83 8.25
CA GLY C 119 -3.22 14.68 7.74
C GLY C 119 -3.75 15.82 6.88
N VAL C 120 -3.15 17.00 7.02
CA VAL C 120 -3.66 18.25 6.42
C VAL C 120 -2.85 18.51 5.15
N GLY C 121 -3.50 18.46 3.99
CA GLY C 121 -2.84 18.71 2.69
C GLY C 121 -3.85 19.11 1.63
N ALA C 122 -4.71 20.08 1.97
CA ALA C 122 -5.91 20.48 1.21
C ALA C 122 -5.52 21.07 -0.15
N ALA C 123 -4.50 21.93 -0.19
CA ALA C 123 -3.99 22.59 -1.42
C ALA C 123 -3.86 21.57 -2.56
N LEU C 124 -3.39 20.37 -2.24
CA LEU C 124 -2.99 19.33 -3.24
C LEU C 124 -4.18 18.44 -3.61
N ALA C 125 -5.30 18.53 -2.90
CA ALA C 125 -6.31 17.46 -2.82
C ALA C 125 -7.45 17.77 -3.78
N ARG C 126 -7.93 16.77 -4.52
CA ARG C 126 -9.26 16.89 -5.19
C ARG C 126 -10.34 17.16 -4.13
N ALA C 127 -10.16 16.72 -2.89
CA ALA C 127 -11.16 16.90 -1.81
C ALA C 127 -11.52 18.39 -1.68
N SER C 128 -10.55 19.30 -1.77
CA SER C 128 -10.75 20.77 -1.65
C SER C 128 -10.91 21.39 -3.05
N ARG C 129 -10.98 20.56 -4.08
CA ARG C 129 -10.79 20.96 -5.49
C ARG C 129 -9.61 21.94 -5.58
N TRP C 130 -8.48 21.59 -4.97
CA TRP C 130 -7.19 22.33 -5.03
C TRP C 130 -7.39 23.76 -4.51
N ASN C 131 -8.09 23.85 -3.37
CA ASN C 131 -8.48 25.08 -2.62
C ASN C 131 -9.50 25.91 -3.39
N ASN C 132 -10.12 25.36 -4.44
CA ASN C 132 -11.26 26.07 -5.10
C ASN C 132 -12.48 26.03 -4.18
N ILE C 133 -12.57 25.06 -3.26
CA ILE C 133 -13.46 25.13 -2.08
C ILE C 133 -12.70 25.91 -0.99
N SER C 134 -12.90 27.23 -0.91
CA SER C 134 -11.98 28.17 -0.20
C SER C 134 -11.99 27.91 1.32
N ASP C 135 -13.08 27.38 1.88
CA ASP C 135 -13.24 27.20 3.35
C ASP C 135 -13.20 25.69 3.69
N TYR C 136 -12.60 24.88 2.80
CA TYR C 136 -12.58 23.40 2.94
C TYR C 136 -12.12 23.01 4.35
N LEU C 137 -11.02 23.58 4.85
CA LEU C 137 -10.46 23.11 6.14
C LEU C 137 -11.46 23.35 7.28
N GLN C 138 -12.39 24.30 7.14
CA GLN C 138 -13.41 24.57 8.19
C GLN C 138 -14.67 23.71 7.95
N THR C 139 -14.98 23.30 6.71
CA THR C 139 -16.29 22.66 6.32
C THR C 139 -16.14 21.17 5.99
N ALA C 140 -14.93 20.61 5.96
CA ALA C 140 -14.67 19.22 5.50
C ALA C 140 -15.34 18.23 6.46
N ASP C 141 -15.03 18.35 7.75
CA ASP C 141 -15.36 17.30 8.76
C ASP C 141 -16.87 17.02 8.64
N GLU C 142 -17.70 18.04 8.42
CA GLU C 142 -19.19 17.93 8.44
C GLU C 142 -19.72 17.02 7.33
N GLN C 143 -19.08 16.95 6.16
CA GLN C 143 -19.58 16.17 4.99
C GLN C 143 -18.91 14.80 4.92
N ILE C 144 -18.12 14.42 5.92
CA ILE C 144 -17.45 13.09 5.95
C ILE C 144 -18.35 12.13 6.74
N CYS C 145 -18.56 10.94 6.20
CA CYS C 145 -19.45 9.91 6.76
C CYS C 145 -18.61 8.66 7.05
N LEU C 146 -18.60 8.20 8.30
CA LEU C 146 -17.83 6.99 8.68
C LEU C 146 -18.78 5.82 8.95
N LEU C 147 -18.61 4.76 8.16
CA LEU C 147 -19.33 3.48 8.34
C LEU C 147 -18.30 2.44 8.79
N VAL C 148 -18.66 1.56 9.71
CA VAL C 148 -17.74 0.47 10.14
C VAL C 148 -18.45 -0.87 9.94
N GLN C 149 -17.69 -1.91 9.57
CA GLN C 149 -18.25 -3.26 9.38
C GLN C 149 -18.11 -4.07 10.66
N VAL C 150 -19.22 -4.66 11.11
CA VAL C 150 -19.22 -5.76 12.12
C VAL C 150 -19.45 -7.07 11.37
N GLU C 151 -18.43 -7.93 11.38
CA GLU C 151 -18.41 -9.14 10.50
C GLU C 151 -17.50 -10.23 11.08
N SER C 152 -17.34 -10.26 12.39
CA SER C 152 -16.54 -11.29 13.12
C SER C 152 -17.20 -11.53 14.49
N LYS C 153 -16.82 -12.60 15.16
CA LYS C 153 -17.29 -12.86 16.56
C LYS C 153 -16.82 -11.71 17.46
N LYS C 154 -15.56 -11.26 17.31
CA LYS C 154 -15.07 -10.15 18.17
C LYS C 154 -15.89 -8.87 17.94
N GLY C 155 -16.21 -8.56 16.69
CA GLY C 155 -17.13 -7.45 16.37
C GLY C 155 -18.44 -7.56 17.15
N LEU C 156 -19.12 -8.71 17.06
CA LEU C 156 -20.40 -8.96 17.77
C LEU C 156 -20.16 -8.89 19.29
N ASP C 157 -18.98 -9.29 19.75
CA ASP C 157 -18.61 -9.28 21.19
C ASP C 157 -18.40 -7.85 21.69
N ASN C 158 -18.26 -6.88 20.78
CA ASN C 158 -17.99 -5.46 21.10
C ASN C 158 -19.05 -4.56 20.45
N LEU C 159 -20.17 -5.11 20.03
CA LEU C 159 -21.24 -4.40 19.29
C LEU C 159 -21.77 -3.22 20.13
N ASP C 160 -22.11 -3.46 21.41
CA ASP C 160 -22.71 -2.40 22.27
C ASP C 160 -21.69 -1.25 22.44
N GLU C 161 -20.43 -1.61 22.61
CA GLU C 161 -19.30 -0.65 22.76
C GLU C 161 -19.11 0.15 21.46
N ILE C 162 -19.09 -0.51 20.31
CA ILE C 162 -18.94 0.19 19.01
C ILE C 162 -20.13 1.14 18.81
N LEU C 163 -21.34 0.73 19.17
CA LEU C 163 -22.58 1.50 18.93
C LEU C 163 -22.60 2.74 19.82
N ASN C 164 -21.74 2.79 20.83
CA ASN C 164 -21.64 3.95 21.73
C ASN C 164 -20.58 4.95 21.26
N VAL C 165 -19.91 4.70 20.13
CA VAL C 165 -18.82 5.60 19.63
C VAL C 165 -19.48 6.74 18.87
N ASP C 166 -19.32 7.97 19.37
CA ASP C 166 -19.69 9.21 18.66
C ASP C 166 -18.81 9.32 17.42
N GLY C 167 -19.45 9.45 16.28
CA GLY C 167 -18.75 9.70 15.01
C GLY C 167 -18.83 8.47 14.13
N VAL C 168 -19.27 7.34 14.66
CA VAL C 168 -19.65 6.17 13.80
C VAL C 168 -21.06 6.47 13.30
N ASP C 169 -21.24 6.68 12.00
CA ASP C 169 -22.57 7.06 11.45
C ASP C 169 -23.40 5.81 11.16
N GLY C 170 -22.73 4.69 10.89
CA GLY C 170 -23.43 3.49 10.43
C GLY C 170 -22.61 2.27 10.74
N ILE C 171 -23.28 1.17 11.02
CA ILE C 171 -22.64 -0.15 11.14
C ILE C 171 -23.19 -1.01 10.02
N PHE C 172 -22.29 -1.53 9.20
CA PHE C 172 -22.61 -2.44 8.08
C PHE C 172 -22.27 -3.87 8.51
N ILE C 173 -23.20 -4.79 8.29
CA ILE C 173 -23.01 -6.24 8.53
C ILE C 173 -22.48 -6.89 7.24
N GLY C 174 -21.38 -7.62 7.34
CA GLY C 174 -20.77 -8.39 6.22
C GLY C 174 -21.15 -9.85 6.33
N PRO C 175 -22.18 -10.34 5.60
CA PRO C 175 -22.64 -11.71 5.80
C PRO C 175 -21.61 -12.77 5.39
N ALA C 176 -20.77 -12.51 4.38
CA ALA C 176 -19.74 -13.50 3.96
C ALA C 176 -18.73 -13.71 5.09
N ASP C 177 -18.11 -12.64 5.58
CA ASP C 177 -17.12 -12.70 6.68
C ASP C 177 -17.83 -13.22 7.94
N LEU C 178 -19.06 -12.78 8.24
CA LEU C 178 -19.70 -13.14 9.52
C LEU C 178 -20.04 -14.64 9.50
N SER C 179 -20.64 -15.13 8.42
CA SER C 179 -21.05 -16.55 8.30
C SER C 179 -19.82 -17.45 8.40
N ALA C 180 -18.70 -17.07 7.75
CA ALA C 180 -17.43 -17.80 7.88
C ALA C 180 -16.96 -17.79 9.34
N ALA C 181 -16.98 -16.64 10.03
CA ALA C 181 -16.52 -16.50 11.44
C ALA C 181 -17.32 -17.45 12.33
N LEU C 182 -18.60 -17.63 12.01
CA LEU C 182 -19.56 -18.44 12.81
C LEU C 182 -19.45 -19.93 12.44
N GLY C 183 -18.55 -20.31 11.54
CA GLY C 183 -18.38 -21.71 11.10
C GLY C 183 -19.44 -22.15 10.10
N TYR C 184 -20.11 -21.20 9.44
CA TYR C 184 -21.07 -21.44 8.32
C TYR C 184 -20.53 -20.79 7.04
N ARG C 185 -19.24 -20.96 6.76
CA ARG C 185 -18.59 -20.39 5.55
C ARG C 185 -19.35 -20.81 4.29
N GLY C 186 -19.74 -19.82 3.48
CA GLY C 186 -20.49 -20.03 2.23
C GLY C 186 -21.99 -20.20 2.45
N ASN C 187 -22.49 -20.15 3.69
CA ASN C 187 -23.92 -20.47 4.02
C ASN C 187 -24.51 -19.43 4.97
N PRO C 188 -24.48 -18.12 4.61
CA PRO C 188 -25.07 -17.08 5.44
C PRO C 188 -26.59 -17.18 5.57
N GLY C 189 -27.24 -17.88 4.61
CA GLY C 189 -28.70 -18.10 4.55
C GLY C 189 -29.23 -18.95 5.70
N HIS C 190 -28.38 -19.69 6.42
CA HIS C 190 -28.78 -20.54 7.57
C HIS C 190 -29.40 -19.69 8.68
N GLU C 191 -30.43 -20.24 9.31
CA GLU C 191 -31.23 -19.60 10.36
C GLU C 191 -30.32 -19.12 11.50
N PHE C 192 -29.32 -19.89 11.90
CA PHE C 192 -28.37 -19.52 12.97
C PHE C 192 -27.75 -18.14 12.64
N VAL C 193 -27.24 -18.00 11.42
CA VAL C 193 -26.61 -16.73 10.95
C VAL C 193 -27.68 -15.64 10.83
N GLN C 194 -28.82 -15.95 10.20
CA GLN C 194 -29.85 -14.91 9.91
C GLN C 194 -30.41 -14.33 11.21
N ASN C 195 -30.63 -15.15 12.24
CA ASN C 195 -31.19 -14.65 13.52
C ASN C 195 -30.19 -13.67 14.13
N ILE C 196 -28.89 -13.96 14.04
CA ILE C 196 -27.82 -13.05 14.55
C ILE C 196 -27.82 -11.75 13.74
N ILE C 197 -27.95 -11.81 12.42
CA ILE C 197 -27.99 -10.60 11.56
C ILE C 197 -29.19 -9.73 11.95
N VAL C 198 -30.39 -10.30 12.10
CA VAL C 198 -31.64 -9.53 12.40
C VAL C 198 -31.51 -8.86 13.76
N GLN C 199 -31.04 -9.61 14.76
CA GLN C 199 -30.81 -9.13 16.14
C GLN C 199 -29.84 -7.94 16.08
N THR C 200 -28.77 -8.09 15.28
CA THR C 200 -27.69 -7.07 15.11
C THR C 200 -28.27 -5.81 14.48
N ILE C 201 -29.03 -5.95 13.40
CA ILE C 201 -29.75 -4.82 12.76
C ILE C 201 -30.59 -4.12 13.85
N GLN C 202 -31.38 -4.86 14.60
CA GLN C 202 -32.30 -4.28 15.62
C GLN C 202 -31.49 -3.47 16.65
N LYS C 203 -30.36 -4.00 17.12
CA LYS C 203 -29.50 -3.35 18.14
C LYS C 203 -28.90 -2.07 17.56
N ILE C 204 -28.45 -2.10 16.30
CA ILE C 204 -27.82 -0.93 15.64
C ILE C 204 -28.84 0.22 15.59
N ARG C 205 -30.04 -0.05 15.10
CA ARG C 205 -31.09 0.98 14.94
C ARG C 205 -31.54 1.45 16.33
N ALA C 206 -31.57 0.58 17.34
CA ALA C 206 -32.02 0.93 18.71
C ALA C 206 -31.04 1.91 19.34
N ALA C 207 -29.77 1.90 18.93
CA ALA C 207 -28.70 2.79 19.46
C ALA C 207 -28.63 4.08 18.65
N GLY C 208 -29.54 4.28 17.69
CA GLY C 208 -29.65 5.51 16.90
C GLY C 208 -28.64 5.57 15.76
N LYS C 209 -28.04 4.45 15.37
CA LYS C 209 -27.07 4.45 14.24
C LYS C 209 -27.76 3.88 13.00
N ALA C 210 -27.24 4.19 11.82
CA ALA C 210 -27.70 3.58 10.55
C ALA C 210 -27.19 2.13 10.46
N ALA C 211 -28.04 1.21 10.06
CA ALA C 211 -27.69 -0.20 9.79
C ALA C 211 -27.56 -0.37 8.29
N GLY C 212 -26.61 -1.20 7.87
CA GLY C 212 -26.38 -1.54 6.47
C GLY C 212 -26.04 -3.00 6.30
N ILE C 213 -26.13 -3.46 5.06
CA ILE C 213 -25.86 -4.87 4.69
C ILE C 213 -25.83 -4.95 3.17
N LEU C 214 -25.21 -6.01 2.68
CA LEU C 214 -25.25 -6.46 1.28
C LEU C 214 -25.97 -7.81 1.22
N SER C 215 -26.91 -7.97 0.30
CA SER C 215 -27.42 -9.30 -0.12
C SER C 215 -27.89 -9.23 -1.56
N ALA C 216 -27.35 -10.12 -2.37
CA ALA C 216 -27.76 -10.39 -3.77
C ALA C 216 -29.02 -11.26 -3.75
N ASP C 217 -29.46 -11.73 -2.60
CA ASP C 217 -30.74 -12.48 -2.49
C ASP C 217 -31.88 -11.47 -2.36
N GLU C 218 -32.75 -11.38 -3.36
CA GLU C 218 -33.84 -10.37 -3.39
C GLU C 218 -34.74 -10.53 -2.15
N LYS C 219 -35.09 -11.75 -1.76
CA LYS C 219 -35.99 -11.95 -0.60
C LYS C 219 -35.31 -11.43 0.67
N LEU C 220 -34.04 -11.80 0.90
CA LEU C 220 -33.31 -11.35 2.12
C LEU C 220 -33.22 -9.82 2.11
N ALA C 221 -32.85 -9.23 0.97
CA ALA C 221 -32.67 -7.76 0.84
C ALA C 221 -34.00 -7.07 1.18
N LYS C 222 -35.10 -7.56 0.62
CA LYS C 222 -36.43 -7.00 0.92
C LYS C 222 -36.76 -7.20 2.41
N GLN C 223 -36.39 -8.34 3.02
CA GLN C 223 -36.61 -8.56 4.47
C GLN C 223 -35.81 -7.49 5.24
N TYR C 224 -34.56 -7.24 4.85
CA TYR C 224 -33.71 -6.25 5.57
C TYR C 224 -34.33 -4.87 5.45
N LEU C 225 -34.83 -4.52 4.26
CA LEU C 225 -35.51 -3.22 4.04
C LEU C 225 -36.77 -3.15 4.92
N GLU C 226 -37.51 -4.24 5.12
CA GLU C 226 -38.76 -4.19 5.94
C GLU C 226 -38.40 -3.92 7.41
N LEU C 227 -37.23 -4.38 7.86
CA LEU C 227 -36.72 -4.14 9.24
C LEU C 227 -36.28 -2.68 9.40
N GLY C 228 -36.14 -1.92 8.33
CA GLY C 228 -35.81 -0.48 8.37
C GLY C 228 -34.33 -0.23 8.14
N THR C 229 -33.57 -1.23 7.72
CA THR C 229 -32.12 -1.12 7.42
C THR C 229 -31.93 0.08 6.48
N GLU C 230 -31.04 1.01 6.85
CA GLU C 230 -30.94 2.35 6.21
C GLU C 230 -30.16 2.26 4.88
N PHE C 231 -29.15 1.40 4.74
CA PHE C 231 -28.32 1.30 3.52
C PHE C 231 -28.13 -0.17 3.17
N VAL C 232 -28.80 -0.59 2.10
CA VAL C 232 -28.83 -1.98 1.61
C VAL C 232 -28.24 -2.02 0.20
N ALA C 233 -27.13 -2.73 0.03
CA ALA C 233 -26.57 -3.07 -1.29
C ALA C 233 -27.26 -4.36 -1.74
N VAL C 234 -27.74 -4.40 -2.99
CA VAL C 234 -28.68 -5.43 -3.50
C VAL C 234 -28.00 -6.24 -4.59
N GLY C 235 -26.75 -5.92 -4.95
CA GLY C 235 -26.04 -6.67 -5.99
C GLY C 235 -24.60 -6.21 -6.15
N VAL C 236 -23.88 -6.88 -7.04
CA VAL C 236 -22.44 -6.73 -7.30
C VAL C 236 -22.24 -6.74 -8.82
N ASP C 237 -21.53 -5.76 -9.35
CA ASP C 237 -21.36 -5.60 -10.83
C ASP C 237 -20.68 -6.85 -11.39
N THR C 238 -19.60 -7.38 -10.77
CA THR C 238 -18.93 -8.57 -11.33
C THR C 238 -19.93 -9.73 -11.41
N SER C 239 -20.76 -9.91 -10.37
CA SER C 239 -21.74 -11.02 -10.28
C SER C 239 -22.81 -10.83 -11.37
N LEU C 240 -23.36 -9.63 -11.49
CA LEU C 240 -24.41 -9.34 -12.52
C LEU C 240 -23.83 -9.55 -13.91
N LEU C 241 -22.58 -9.12 -14.16
CA LEU C 241 -21.97 -9.33 -15.49
C LEU C 241 -21.84 -10.83 -15.75
N MET C 242 -21.23 -11.59 -14.84
CA MET C 242 -20.98 -13.02 -15.06
C MET C 242 -22.34 -13.72 -15.25
N LYS C 243 -23.30 -13.47 -14.36
CA LYS C 243 -24.59 -14.21 -14.38
C LYS C 243 -25.35 -13.91 -15.67
N SER C 244 -25.40 -12.64 -16.11
CA SER C 244 -26.15 -12.24 -17.32
C SER C 244 -25.51 -12.92 -18.55
N MET C 245 -24.18 -13.03 -18.60
CA MET C 245 -23.50 -13.64 -19.78
C MET C 245 -23.74 -15.15 -19.77
N LYS C 246 -23.78 -15.76 -18.59
CA LYS C 246 -24.02 -17.22 -18.46
C LYS C 246 -25.47 -17.55 -18.84
N GLN C 247 -26.43 -16.80 -18.30
CA GLN C 247 -27.89 -16.98 -18.61
C GLN C 247 -28.13 -16.85 -20.11
N LEU C 248 -27.50 -15.87 -20.76
CA LEU C 248 -27.63 -15.67 -22.24
C LEU C 248 -27.07 -16.89 -22.97
N LEU C 249 -25.87 -17.36 -22.61
CA LEU C 249 -25.25 -18.49 -23.35
C LEU C 249 -26.14 -19.73 -23.19
N SER C 250 -26.74 -19.94 -22.03
CA SER C 250 -27.57 -21.14 -21.73
C SER C 250 -28.76 -21.23 -22.69
N LYS C 251 -29.22 -20.11 -23.27
CA LYS C 251 -30.36 -20.09 -24.23
C LYS C 251 -29.94 -20.69 -25.57
N PHE C 252 -28.63 -20.81 -25.82
CA PHE C 252 -28.04 -21.28 -27.10
C PHE C 252 -27.16 -22.52 -26.89
N LYS C 253 -26.71 -22.78 -25.65
CA LYS C 253 -25.63 -23.71 -25.19
C LYS C 253 -24.62 -24.00 -26.31
C PYR D . 17.59 -12.56 -1.10
O PYR D . 17.63 -11.80 -0.13
OXT PYR D . 18.61 -13.07 -1.62
CA PYR D . 16.41 -12.85 -1.61
O3 PYR D . 15.37 -12.42 -1.08
CB PYR D . 16.28 -13.77 -2.78
C1' HBA E . 16.05 -10.02 -3.66
O1' HBA E . 15.15 -10.73 -3.38
C1 HBA E . 17.04 -10.32 -4.69
C2 HBA E . 18.37 -9.93 -4.51
C3 HBA E . 19.30 -10.15 -5.51
C4 HBA E . 18.91 -10.79 -6.68
C5 HBA E . 17.59 -11.19 -6.86
C6 HBA E . 16.67 -10.95 -5.86
O4 HBA E . 19.85 -11.03 -7.65
ZN ZN F . 15.66 -11.11 0.59
CA CA G . -1.05 1.48 -9.46
C PYR H . 2.53 20.64 5.93
O PYR H . 2.49 21.90 5.79
OXT PYR H . 1.84 20.01 6.77
CA PYR H . 3.33 19.98 5.13
O3 PYR H . 3.46 18.78 5.25
CB PYR H . 4.17 20.69 4.10
C1' HBA I . 0.85 19.18 2.61
O1' HBA I . 1.92 18.68 2.75
C1 HBA I . 0.63 20.47 2.00
C2 HBA I . -0.31 21.36 2.53
C3 HBA I . -0.55 22.57 1.92
C4 HBA I . 0.15 22.93 0.77
C5 HBA I . 1.07 22.04 0.23
C6 HBA I . 1.30 20.83 0.84
O4 HBA I . -0.08 24.12 0.16
ZN ZN J . 2.24 17.82 6.72
C PYR K . -19.09 -9.42 3.62
O PYR K . -18.21 -9.98 4.32
OXT PYR K . -20.19 -9.98 3.30
CA PYR K . -18.93 -8.20 3.21
O3 PYR K . -17.93 -7.57 3.51
CB PYR K . -19.98 -7.51 2.40
C1' HBA L . -17.10 -9.03 0.27
O1' HBA L . -17.09 -7.92 0.67
C1 HBA L . -18.13 -9.59 -0.57
C2 HBA L . -18.44 -10.95 -0.52
C3 HBA L . -19.38 -11.49 -1.36
C4 HBA L . -20.05 -10.67 -2.26
C5 HBA L . -19.75 -9.31 -2.34
C6 HBA L . -18.79 -8.78 -1.49
O4 HBA L . -21.00 -11.19 -3.10
ZN ZN M . -16.49 -8.64 4.64
#